data_6CLW
#
_entry.id   6CLW
#
_cell.length_a   110.860
_cell.length_b   110.860
_cell.length_c   113.310
_cell.angle_alpha   90.00
_cell.angle_beta   90.00
_cell.angle_gamma   120.00
#
_symmetry.space_group_name_H-M   'P 31 2 1'
#
loop_
_entity.id
_entity.type
_entity.pdbx_description
1 polymer O-methyltransferase
2 water water
#
_entity_poly.entity_id   1
_entity_poly.type   'polypeptide(L)'
_entity_poly.pdbx_seq_one_letter_code
;MGSSHHHHHHSSGLVPRGSHMADDDAFVHLLRLKDTMTPWALRAVVTLGVPDLVAEGEKDVSELAQRSGAVPDALRRVLR
LLARRGVFTEPRPAVFGPTGLSRLLQSDHPRSMRPWLDLEGPVARGDRTCVHILEALRTGGPVHERTYGRPVWEDLAARP
ALGAAFDAAMAQRASWIAGDVAAGFDWSAVRHVMDVGGGTGGVLAEVLRARPGLKGTLLDRAPTVAAGREAWGASEAGQR
CTFSGGSFFDTLPSGADACLLVNVLHDWADEHALAVLRRCAEAVGPRGRVLIAEHLVEEGAGGPGAAGLAELDLVMMLVY
GGRERRLDELADLAGKAGLRIGDVSMTPRGLSLVVCEAETSAAG
;
_entity_poly.pdbx_strand_id   A,B
#
# COMPACT_ATOMS: atom_id res chain seq x y z
N MET A 21 -20.18 18.58 -0.52
CA MET A 21 -20.16 19.65 0.55
C MET A 21 -19.27 19.33 1.77
N ALA A 22 -19.25 18.07 2.20
CA ALA A 22 -18.47 17.67 3.36
C ALA A 22 -17.90 16.28 3.14
N ASP A 23 -16.60 16.16 3.41
CA ASP A 23 -15.89 14.88 3.40
C ASP A 23 -16.12 14.17 4.74
N ASP A 24 -17.33 13.66 4.89
CA ASP A 24 -17.80 13.06 6.15
C ASP A 24 -18.10 11.56 6.09
N ASP A 25 -17.98 10.96 4.90
CA ASP A 25 -18.30 9.55 4.71
C ASP A 25 -17.14 8.66 5.22
N ALA A 26 -17.29 8.13 6.44
CA ALA A 26 -16.27 7.30 7.09
C ALA A 26 -15.89 6.05 6.29
N PHE A 27 -16.89 5.46 5.64
CA PHE A 27 -16.67 4.25 4.84
C PHE A 27 -15.73 4.52 3.67
N VAL A 28 -15.93 5.67 3.03
CA VAL A 28 -15.09 6.09 1.91
C VAL A 28 -13.67 6.33 2.41
N HIS A 29 -13.53 7.04 3.53
CA HIS A 29 -12.23 7.29 4.15
C HIS A 29 -11.48 5.98 4.39
N LEU A 30 -12.17 4.99 4.94
CA LEU A 30 -11.55 3.70 5.23
C LEU A 30 -11.11 3.01 3.92
N LEU A 31 -11.98 2.99 2.91
CA LEU A 31 -11.61 2.44 1.59
C LEU A 31 -10.43 3.15 0.98
N ARG A 32 -10.31 4.46 1.21
CA ARG A 32 -9.16 5.22 0.78
C ARG A 32 -7.91 4.70 1.47
N LEU A 33 -7.99 4.57 2.79
CA LEU A 33 -6.81 4.21 3.59
C LEU A 33 -6.32 2.79 3.38
N LYS A 34 -7.22 1.89 2.97
CA LYS A 34 -6.90 0.46 2.87
C LYS A 34 -6.31 0.01 1.54
N ASP A 35 -6.41 0.86 0.52
CA ASP A 35 -5.86 0.59 -0.82
C ASP A 35 -4.36 0.27 -0.74
N THR A 36 -4.01 -0.94 -1.15
CA THR A 36 -2.63 -1.37 -1.28
C THR A 36 -2.22 -1.59 -2.72
N MET A 37 -3.12 -1.38 -3.67
CA MET A 37 -2.81 -1.71 -5.06
C MET A 37 -2.25 -0.50 -5.81
N THR A 38 -2.92 0.64 -5.66
CA THR A 38 -2.45 1.93 -6.18
C THR A 38 -0.96 2.24 -5.91
N PRO A 39 -0.49 2.22 -4.65
CA PRO A 39 0.93 2.52 -4.39
C PRO A 39 1.94 1.58 -5.06
N TRP A 40 1.55 0.35 -5.33
CA TRP A 40 2.42 -0.61 -6.04
C TRP A 40 2.21 -0.61 -7.52
N ALA A 41 1.01 -0.32 -7.98
CA ALA A 41 0.80 0.05 -9.37
C ALA A 41 1.74 1.22 -9.70
N LEU A 42 1.79 2.21 -8.81
CA LEU A 42 2.61 3.41 -8.99
C LEU A 42 4.10 3.07 -9.01
N ARG A 43 4.56 2.36 -7.99
CA ARG A 43 5.99 1.97 -7.92
C ARG A 43 6.45 1.13 -9.11
N ALA A 44 5.56 0.25 -9.59
CA ALA A 44 5.88 -0.63 -10.73
C ALA A 44 6.05 0.16 -12.04
N VAL A 45 5.07 1.00 -12.30
CA VAL A 45 5.00 1.79 -13.51
C VAL A 45 6.15 2.79 -13.62
N VAL A 46 6.56 3.37 -12.50
CA VAL A 46 7.76 4.19 -12.41
C VAL A 46 9.02 3.35 -12.59
N THR A 47 9.07 2.16 -11.98
CA THR A 47 10.17 1.22 -12.22
C THR A 47 10.30 0.90 -13.73
N LEU A 48 9.17 0.68 -14.41
CA LEU A 48 9.17 0.35 -15.84
C LEU A 48 9.33 1.55 -16.80
N GLY A 49 9.48 2.76 -16.27
CA GLY A 49 9.74 3.91 -17.10
C GLY A 49 8.58 4.38 -17.92
N VAL A 50 7.34 4.00 -17.56
CA VAL A 50 6.17 4.40 -18.36
C VAL A 50 5.96 5.93 -18.40
N PRO A 51 6.11 6.63 -17.25
CA PRO A 51 5.94 8.10 -17.29
C PRO A 51 6.85 8.79 -18.32
N ASP A 52 8.08 8.25 -18.46
CA ASP A 52 9.06 8.71 -19.44
C ASP A 52 8.62 8.38 -20.86
N LEU A 53 8.18 7.14 -21.08
CA LEU A 53 7.69 6.69 -22.38
C LEU A 53 6.51 7.52 -22.93
N VAL A 54 5.73 8.13 -22.04
CA VAL A 54 4.60 8.97 -22.45
C VAL A 54 4.83 10.49 -22.30
N ALA A 55 6.06 10.92 -21.98
CA ALA A 55 6.37 12.35 -21.88
C ALA A 55 6.06 13.09 -23.20
N GLU A 56 6.44 12.48 -24.32
CA GLU A 56 6.24 13.08 -25.65
C GLU A 56 4.80 12.98 -26.20
N GLY A 57 3.92 12.28 -25.49
CA GLY A 57 2.51 12.21 -25.85
C GLY A 57 1.94 10.83 -25.64
N GLU A 58 0.70 10.64 -26.06
CA GLU A 58 0.00 9.35 -25.97
C GLU A 58 0.82 8.21 -26.54
N LYS A 59 0.79 7.08 -25.86
CA LYS A 59 1.25 5.83 -26.42
C LYS A 59 0.15 4.81 -26.17
N ASP A 60 0.03 3.80 -27.04
CA ASP A 60 -0.91 2.70 -26.78
C ASP A 60 -0.17 1.50 -26.17
N VAL A 61 -0.91 0.71 -25.40
CA VAL A 61 -0.37 -0.30 -24.50
C VAL A 61 0.63 -1.24 -25.15
N SER A 62 0.33 -1.73 -26.35
CA SER A 62 1.21 -2.67 -27.07
C SER A 62 2.66 -2.20 -27.18
N GLU A 63 2.82 -0.89 -27.44
CA GLU A 63 4.15 -0.24 -27.52
C GLU A 63 4.76 -0.16 -26.14
N LEU A 64 4.02 0.42 -25.20
CA LEU A 64 4.47 0.53 -23.81
C LEU A 64 4.86 -0.83 -23.24
N ALA A 65 4.05 -1.85 -23.56
CA ALA A 65 4.32 -3.24 -23.17
C ALA A 65 5.64 -3.75 -23.73
N GLN A 66 5.83 -3.58 -25.05
CA GLN A 66 7.07 -3.97 -25.75
C GLN A 66 8.31 -3.29 -25.20
N ARG A 67 8.25 -1.96 -25.07
CA ARG A 67 9.42 -1.18 -24.65
C ARG A 67 9.84 -1.49 -23.23
N SER A 68 8.86 -1.74 -22.35
CA SER A 68 9.13 -2.27 -21.00
C SER A 68 9.16 -3.80 -21.05
N GLY A 69 9.38 -4.47 -19.93
CA GLY A 69 9.41 -5.93 -19.94
C GLY A 69 8.05 -6.64 -19.97
N ALA A 70 6.97 -5.87 -20.09
CA ALA A 70 5.68 -6.25 -19.50
C ALA A 70 4.73 -6.95 -20.45
N VAL A 71 3.85 -7.79 -19.86
CA VAL A 71 2.73 -8.40 -20.57
C VAL A 71 1.68 -7.30 -20.85
N PRO A 72 1.23 -7.18 -22.11
CA PRO A 72 0.23 -6.14 -22.46
C PRO A 72 -1.06 -6.07 -21.62
N ASP A 73 -1.66 -7.22 -21.34
CA ASP A 73 -2.89 -7.28 -20.55
C ASP A 73 -2.69 -6.77 -19.13
N ALA A 74 -1.62 -7.24 -18.48
CA ALA A 74 -1.31 -6.85 -17.10
C ALA A 74 -1.02 -5.34 -17.00
N LEU A 75 -0.21 -4.84 -17.92
CA LEU A 75 0.14 -3.42 -17.96
C LEU A 75 -1.08 -2.54 -18.23
N ARG A 76 -1.96 -2.98 -19.13
CA ARG A 76 -3.22 -2.27 -19.38
C ARG A 76 -3.98 -2.09 -18.07
N ARG A 77 -4.12 -3.18 -17.33
CA ARG A 77 -4.94 -3.19 -16.11
C ARG A 77 -4.35 -2.33 -15.03
N VAL A 78 -3.03 -2.36 -14.92
CA VAL A 78 -2.28 -1.52 -13.97
C VAL A 78 -2.37 -0.02 -14.31
N LEU A 79 -2.19 0.34 -15.57
CA LEU A 79 -2.36 1.72 -16.00
C LEU A 79 -3.80 2.17 -15.85
N ARG A 80 -4.77 1.28 -16.11
CA ARG A 80 -6.20 1.61 -15.95
C ARG A 80 -6.47 2.12 -14.54
N LEU A 81 -5.96 1.40 -13.53
CA LEU A 81 -6.08 1.86 -12.15
C LEU A 81 -5.48 3.25 -12.02
N LEU A 82 -4.23 3.41 -12.45
CA LEU A 82 -3.52 4.69 -12.21
C LEU A 82 -4.14 5.85 -12.96
N ALA A 83 -4.74 5.55 -14.11
CA ALA A 83 -5.54 6.52 -14.86
C ALA A 83 -6.80 6.93 -14.07
N ARG A 84 -7.51 5.95 -13.52
CA ARG A 84 -8.60 6.22 -12.56
C ARG A 84 -8.18 7.21 -11.43
N ARG A 85 -6.93 7.10 -10.98
CA ARG A 85 -6.38 7.99 -9.96
C ARG A 85 -5.74 9.28 -10.51
N GLY A 86 -5.70 9.46 -11.84
CA GLY A 86 -5.31 10.73 -12.45
C GLY A 86 -3.86 10.87 -12.86
N VAL A 87 -3.10 9.78 -12.71
CA VAL A 87 -1.67 9.78 -13.00
C VAL A 87 -1.45 9.91 -14.50
N PHE A 88 -2.15 9.08 -15.28
CA PHE A 88 -2.12 9.14 -16.71
C PHE A 88 -3.52 9.41 -17.21
N THR A 89 -3.59 10.02 -18.38
CA THR A 89 -4.83 10.16 -19.13
C THR A 89 -5.07 8.82 -19.85
N GLU A 90 -6.33 8.44 -20.12
CA GLU A 90 -6.62 7.38 -21.14
C GLU A 90 -7.76 7.78 -22.11
N PRO A 91 -7.41 8.54 -23.17
CA PRO A 91 -8.45 9.20 -23.96
C PRO A 91 -9.23 8.27 -24.93
N ARG A 92 -8.61 7.18 -25.35
CA ARG A 92 -9.29 6.09 -26.05
C ARG A 92 -8.87 4.78 -25.37
N PRO A 93 -9.67 3.71 -25.50
CA PRO A 93 -9.30 2.45 -24.83
C PRO A 93 -7.89 1.99 -25.15
N ALA A 94 -7.20 1.47 -24.13
CA ALA A 94 -5.85 0.92 -24.24
C ALA A 94 -4.73 1.90 -24.67
N VAL A 95 -4.98 3.22 -24.62
CA VAL A 95 -3.90 4.20 -24.87
C VAL A 95 -3.81 5.17 -23.68
N PHE A 96 -2.59 5.42 -23.21
CA PHE A 96 -2.37 6.26 -22.04
C PHE A 96 -1.36 7.36 -22.35
N GLY A 97 -1.64 8.57 -21.87
CA GLY A 97 -0.82 9.76 -22.13
C GLY A 97 -0.36 10.43 -20.85
N PRO A 98 0.51 11.45 -20.97
CA PRO A 98 1.08 12.13 -19.81
C PRO A 98 0.10 13.07 -19.12
N THR A 99 0.43 13.46 -17.89
CA THR A 99 -0.32 14.45 -17.11
C THR A 99 0.67 15.25 -16.27
N GLY A 100 0.18 16.28 -15.61
CA GLY A 100 0.97 17.02 -14.60
C GLY A 100 1.62 16.12 -13.56
N LEU A 101 0.92 15.05 -13.17
CA LEU A 101 1.46 14.06 -12.23
C LEU A 101 2.53 13.19 -12.85
N SER A 102 2.35 12.78 -14.11
CA SER A 102 3.35 11.94 -14.76
C SER A 102 4.67 12.70 -14.94
N ARG A 103 4.60 14.01 -15.20
CA ARG A 103 5.80 14.85 -15.30
C ARG A 103 6.70 14.67 -14.09
N LEU A 104 6.12 14.74 -12.88
CA LEU A 104 6.86 14.53 -11.62
C LEU A 104 7.46 13.15 -11.47
N LEU A 105 6.95 12.17 -12.21
CA LEU A 105 7.51 10.83 -12.24
C LEU A 105 8.58 10.58 -13.31
N GLN A 106 8.90 11.60 -14.12
CA GLN A 106 9.89 11.48 -15.19
C GLN A 106 11.28 11.71 -14.62
N SER A 107 12.30 11.17 -15.28
CA SER A 107 13.68 11.30 -14.78
C SER A 107 14.11 12.71 -15.08
N ASP A 108 13.83 13.12 -16.31
CA ASP A 108 13.58 14.50 -16.73
C ASP A 108 13.42 15.60 -15.67
N HIS A 109 12.53 15.37 -14.69
CA HIS A 109 11.98 16.45 -13.88
C HIS A 109 12.97 16.95 -12.83
N PRO A 110 13.07 18.29 -12.62
CA PRO A 110 14.04 18.84 -11.65
C PRO A 110 13.88 18.32 -10.22
N ARG A 111 12.62 18.15 -9.80
CA ARG A 111 12.25 17.66 -8.48
C ARG A 111 11.66 16.24 -8.58
N SER A 112 12.15 15.42 -9.51
CA SER A 112 11.54 14.13 -9.82
C SER A 112 11.31 13.26 -8.61
N MET A 113 10.22 12.51 -8.65
CA MET A 113 9.93 11.48 -7.67
C MET A 113 10.47 10.12 -8.09
N ARG A 114 10.90 9.95 -9.35
CA ARG A 114 11.42 8.62 -9.78
C ARG A 114 12.36 7.96 -8.74
N PRO A 115 13.42 8.67 -8.29
CA PRO A 115 14.33 7.97 -7.37
C PRO A 115 13.72 7.50 -6.04
N TRP A 116 12.55 8.01 -5.66
CA TRP A 116 11.83 7.55 -4.45
C TRP A 116 10.85 6.41 -4.72
N LEU A 117 10.43 6.23 -5.97
CA LEU A 117 9.48 5.18 -6.37
C LEU A 117 10.06 4.10 -7.31
N ASP A 118 11.34 4.20 -7.67
CA ASP A 118 11.95 3.23 -8.57
C ASP A 118 12.36 2.03 -7.73
N LEU A 119 11.70 0.90 -7.94
CA LEU A 119 12.01 -0.34 -7.20
C LEU A 119 13.43 -0.88 -7.48
N GLU A 120 14.02 -0.47 -8.60
CA GLU A 120 15.42 -0.70 -8.87
C GLU A 120 16.32 -0.02 -7.85
N GLY A 121 15.93 1.19 -7.41
CA GLY A 121 16.62 1.90 -6.34
C GLY A 121 16.26 1.40 -4.95
N PRO A 122 17.12 1.63 -3.95
CA PRO A 122 16.94 1.02 -2.62
C PRO A 122 15.81 1.60 -1.77
N VAL A 123 15.41 2.85 -2.04
CA VAL A 123 14.41 3.52 -1.21
C VAL A 123 13.04 2.86 -1.35
N ALA A 124 12.58 2.79 -2.59
CA ALA A 124 11.32 2.12 -2.91
C ALA A 124 11.42 0.61 -2.66
N ARG A 125 12.61 0.06 -2.93
CA ARG A 125 12.91 -1.34 -2.57
C ARG A 125 12.54 -1.59 -1.10
N GLY A 126 12.97 -0.70 -0.21
CA GLY A 126 12.63 -0.80 1.21
C GLY A 126 11.15 -0.85 1.54
N ASP A 127 10.32 -0.17 0.75
CA ASP A 127 8.86 -0.21 0.90
C ASP A 127 8.24 -1.61 0.84
N ARG A 128 8.94 -2.60 0.29
CA ARG A 128 8.44 -3.99 0.32
C ARG A 128 8.31 -4.52 1.74
N THR A 129 9.05 -3.98 2.70
CA THR A 129 8.94 -4.37 4.10
C THR A 129 7.51 -4.23 4.69
N CYS A 130 6.72 -3.27 4.19
CA CYS A 130 5.34 -3.04 4.68
C CYS A 130 4.56 -4.31 4.99
N VAL A 131 4.64 -5.30 4.09
CA VAL A 131 3.95 -6.59 4.28
C VAL A 131 4.40 -7.46 5.48
N HIS A 132 5.54 -7.15 6.09
CA HIS A 132 6.01 -7.82 7.32
C HIS A 132 5.80 -6.93 8.56
N ILE A 133 4.74 -6.14 8.57
CA ILE A 133 4.52 -5.20 9.68
C ILE A 133 4.20 -5.91 11.02
N LEU A 134 3.54 -7.06 10.97
CA LEU A 134 3.20 -7.77 12.21
C LEU A 134 4.46 -8.17 13.00
N GLU A 135 5.47 -8.67 12.30
CA GLU A 135 6.75 -8.97 12.90
C GLU A 135 7.43 -7.71 13.47
N ALA A 136 7.34 -6.60 12.75
CA ALA A 136 7.87 -5.34 13.26
C ALA A 136 7.20 -4.92 14.58
N LEU A 137 5.93 -5.29 14.77
CA LEU A 137 5.24 -5.05 16.05
C LEU A 137 5.63 -6.07 17.14
N ARG A 138 5.83 -7.34 16.76
CA ARG A 138 6.35 -8.37 17.71
C ARG A 138 7.74 -8.06 18.28
N THR A 139 8.69 -7.79 17.40
CA THR A 139 10.09 -7.64 17.79
C THR A 139 10.41 -6.21 18.15
N GLY A 140 9.79 -5.26 17.45
CA GLY A 140 10.12 -3.84 17.61
C GLY A 140 11.12 -3.36 16.57
N GLY A 141 11.94 -4.29 16.07
CA GLY A 141 13.04 -3.96 15.18
C GLY A 141 12.60 -3.94 13.73
N PRO A 142 13.56 -3.65 12.84
CA PRO A 142 13.30 -3.62 11.40
C PRO A 142 13.06 -4.99 10.79
N VAL A 143 12.48 -4.96 9.60
CA VAL A 143 12.14 -6.18 8.86
C VAL A 143 12.69 -6.14 7.43
N HIS A 144 13.75 -5.35 7.23
CA HIS A 144 14.47 -5.35 5.96
C HIS A 144 15.22 -6.68 5.78
N GLU A 145 15.83 -7.16 6.86
CA GLU A 145 16.54 -8.44 6.86
C GLU A 145 15.62 -9.61 6.51
N ARG A 146 14.41 -9.62 7.06
CA ARG A 146 13.43 -10.66 6.73
C ARG A 146 12.92 -10.58 5.30
N THR A 147 12.83 -9.38 4.75
CA THR A 147 12.46 -9.18 3.35
C THR A 147 13.59 -9.64 2.41
N TYR A 148 14.80 -9.15 2.67
CA TYR A 148 15.87 -9.20 1.67
C TYR A 148 17.11 -10.04 1.97
N GLY A 149 17.14 -10.71 3.12
CA GLY A 149 18.32 -11.49 3.54
C GLY A 149 19.28 -10.78 4.47
N ARG A 150 19.40 -9.46 4.33
CA ARG A 150 20.32 -8.65 5.15
C ARG A 150 19.66 -7.35 5.54
N PRO A 151 20.06 -6.76 6.69
CA PRO A 151 19.51 -5.43 7.03
C PRO A 151 19.95 -4.38 6.03
N VAL A 152 19.37 -3.19 6.12
CA VAL A 152 19.52 -2.20 5.06
C VAL A 152 20.98 -1.78 4.77
N TRP A 153 21.77 -1.56 5.82
CA TRP A 153 23.13 -1.03 5.65
C TRP A 153 24.06 -2.10 5.09
N GLU A 154 23.93 -3.33 5.61
CA GLU A 154 24.76 -4.44 5.15
C GLU A 154 24.64 -4.71 3.66
N ASP A 155 23.42 -4.80 3.11
CA ASP A 155 23.30 -5.11 1.65
C ASP A 155 23.38 -3.88 0.75
N LEU A 156 23.14 -2.68 1.29
CA LEU A 156 23.59 -1.44 0.62
C LEU A 156 25.12 -1.42 0.44
N ALA A 157 25.85 -1.76 1.51
CA ALA A 157 27.31 -1.86 1.46
C ALA A 157 27.78 -3.09 0.67
N ALA A 158 27.00 -4.16 0.69
CA ALA A 158 27.31 -5.36 -0.11
C ALA A 158 26.94 -5.25 -1.58
N ARG A 159 26.13 -4.26 -1.94
CA ARG A 159 25.80 -3.95 -3.34
C ARG A 159 26.07 -2.46 -3.62
N PRO A 160 27.30 -2.13 -4.10
CA PRO A 160 27.69 -0.74 -4.37
C PRO A 160 26.73 0.07 -5.26
N ALA A 161 26.15 -0.59 -6.27
CA ALA A 161 25.16 0.06 -7.14
C ALA A 161 23.94 0.58 -6.35
N LEU A 162 23.42 -0.22 -5.41
CA LEU A 162 22.37 0.28 -4.50
C LEU A 162 22.92 1.46 -3.72
N GLY A 163 24.12 1.27 -3.18
CA GLY A 163 24.81 2.32 -2.42
C GLY A 163 24.83 3.65 -3.15
N ALA A 164 25.28 3.63 -4.40
CA ALA A 164 25.30 4.84 -5.22
C ALA A 164 23.90 5.45 -5.41
N ALA A 165 22.90 4.62 -5.70
CA ALA A 165 21.53 5.09 -5.94
C ALA A 165 20.97 5.77 -4.71
N PHE A 166 21.20 5.15 -3.56
CA PHE A 166 20.86 5.73 -2.26
C PHE A 166 21.51 7.11 -2.14
N ASP A 167 22.82 7.15 -2.34
CA ASP A 167 23.58 8.40 -2.29
C ASP A 167 22.98 9.44 -3.21
N ALA A 168 22.70 9.04 -4.44
CA ALA A 168 22.10 9.93 -5.44
C ALA A 168 20.77 10.48 -4.95
N ALA A 169 19.92 9.58 -4.43
CA ALA A 169 18.62 9.96 -3.88
C ALA A 169 18.74 10.96 -2.74
N MET A 170 19.61 10.66 -1.77
CA MET A 170 19.82 11.58 -0.65
C MET A 170 20.43 12.91 -1.10
N ALA A 171 21.30 12.87 -2.12
CA ALA A 171 21.92 14.09 -2.66
C ALA A 171 20.89 15.11 -3.18
N GLN A 172 19.92 14.61 -3.94
CA GLN A 172 18.79 15.42 -4.44
C GLN A 172 18.06 16.10 -3.27
N ARG A 173 17.79 15.34 -2.22
CA ARG A 173 17.16 15.87 -1.00
C ARG A 173 18.05 16.88 -0.28
N ALA A 174 19.33 16.56 -0.12
CA ALA A 174 20.28 17.48 0.52
C ALA A 174 20.45 18.76 -0.28
N SER A 175 20.42 18.65 -1.61
CA SER A 175 20.53 19.81 -2.49
C SER A 175 19.45 20.84 -2.23
N TRP A 176 18.22 20.36 -2.02
CA TRP A 176 17.08 21.23 -1.80
C TRP A 176 17.11 21.97 -0.48
N ILE A 177 17.73 21.35 0.51
CA ILE A 177 17.69 21.81 1.90
C ILE A 177 18.94 22.66 2.25
N ALA A 178 19.99 22.56 1.42
CA ALA A 178 21.33 23.10 1.74
C ALA A 178 21.44 24.60 2.01
N GLY A 179 20.63 25.39 1.30
CA GLY A 179 20.64 26.85 1.45
C GLY A 179 20.07 27.32 2.77
N ASP A 180 19.04 26.60 3.23
CA ASP A 180 18.47 26.81 4.57
C ASP A 180 19.47 26.58 5.67
N VAL A 181 20.28 25.53 5.53
CA VAL A 181 21.25 25.12 6.57
C VAL A 181 22.43 26.11 6.66
N ALA A 182 22.95 26.53 5.49
CA ALA A 182 23.95 27.58 5.43
C ALA A 182 23.42 28.85 6.10
N ALA A 183 22.27 29.31 5.63
CA ALA A 183 21.63 30.51 6.17
C ALA A 183 21.08 30.32 7.60
N GLY A 184 20.84 29.09 8.01
CA GLY A 184 20.23 28.79 9.29
C GLY A 184 21.12 28.84 10.53
N PHE A 185 22.40 28.48 10.39
CA PHE A 185 23.36 28.55 11.50
C PHE A 185 24.25 29.79 11.35
N ASP A 186 24.74 30.28 12.48
CA ASP A 186 25.70 31.39 12.56
C ASP A 186 27.12 30.82 12.48
N TRP A 187 27.80 31.06 11.36
CA TRP A 187 29.14 30.52 11.09
C TRP A 187 30.30 31.44 11.50
N SER A 188 29.97 32.59 12.12
CA SER A 188 30.95 33.58 12.62
C SER A 188 31.98 32.96 13.53
N ALA A 189 31.52 32.10 14.43
CA ALA A 189 32.38 31.45 15.42
C ALA A 189 33.13 30.19 14.92
N VAL A 190 32.99 29.85 13.64
CA VAL A 190 33.39 28.54 13.13
C VAL A 190 34.48 28.69 12.08
N ARG A 191 35.59 27.97 12.26
CA ARG A 191 36.69 27.94 11.29
C ARG A 191 36.68 26.71 10.38
N HIS A 192 36.35 25.54 10.94
CA HIS A 192 36.43 24.28 10.21
C HIS A 192 35.24 23.37 10.55
N VAL A 193 34.37 23.15 9.55
CA VAL A 193 33.15 22.34 9.72
C VAL A 193 33.36 20.94 9.18
N MET A 194 32.82 19.95 9.88
CA MET A 194 32.86 18.59 9.42
C MET A 194 31.43 18.08 9.25
N ASP A 195 31.03 17.86 8.00
CA ASP A 195 29.70 17.35 7.68
C ASP A 195 29.69 15.84 7.95
N VAL A 196 29.27 15.44 9.14
CA VAL A 196 29.28 14.02 9.54
C VAL A 196 28.08 13.30 8.93
N GLY A 197 28.36 12.33 8.06
CA GLY A 197 27.31 11.63 7.34
C GLY A 197 26.62 12.52 6.32
N GLY A 198 27.40 13.37 5.66
CA GLY A 198 26.88 14.37 4.75
C GLY A 198 26.70 13.92 3.32
N GLY A 199 26.73 12.61 3.07
CA GLY A 199 26.49 12.06 1.74
C GLY A 199 27.61 12.47 0.80
N THR A 200 27.25 12.85 -0.42
CA THR A 200 28.19 13.38 -1.41
C THR A 200 28.55 14.86 -1.18
N GLY A 201 28.02 15.48 -0.13
CA GLY A 201 28.50 16.78 0.36
C GLY A 201 27.74 18.01 -0.09
N GLY A 202 26.51 17.83 -0.57
CA GLY A 202 25.69 18.93 -1.04
C GLY A 202 25.48 20.07 -0.06
N VAL A 203 25.36 19.76 1.24
CA VAL A 203 25.17 20.83 2.26
C VAL A 203 26.50 21.54 2.54
N LEU A 204 27.57 20.76 2.67
CA LEU A 204 28.91 21.31 2.92
C LEU A 204 29.35 22.20 1.78
N ALA A 205 29.15 21.75 0.54
CA ALA A 205 29.40 22.55 -0.66
C ALA A 205 28.76 23.93 -0.56
N GLU A 206 27.49 23.96 -0.20
CA GLU A 206 26.75 25.21 -0.06
C GLU A 206 27.21 26.02 1.16
N VAL A 207 27.45 25.34 2.28
CA VAL A 207 27.95 26.01 3.50
C VAL A 207 29.32 26.67 3.25
N LEU A 208 30.23 25.93 2.64
CA LEU A 208 31.55 26.47 2.35
C LEU A 208 31.47 27.69 1.42
N ARG A 209 30.71 27.60 0.33
CA ARG A 209 30.70 28.68 -0.65
C ARG A 209 30.00 29.95 -0.10
N ALA A 210 29.02 29.77 0.78
CA ALA A 210 28.39 30.90 1.50
C ALA A 210 29.33 31.65 2.45
N ARG A 211 30.36 30.96 2.94
CA ARG A 211 31.29 31.50 3.93
C ARG A 211 32.73 31.29 3.45
N PRO A 212 33.22 32.19 2.55
CA PRO A 212 34.50 31.98 1.84
C PRO A 212 35.69 31.58 2.72
N GLY A 213 35.72 32.03 3.97
CA GLY A 213 36.82 31.69 4.88
C GLY A 213 36.89 30.28 5.41
N LEU A 214 35.76 29.56 5.41
CA LEU A 214 35.64 28.27 6.11
C LEU A 214 36.48 27.16 5.49
N LYS A 215 37.01 26.27 6.34
CA LYS A 215 37.51 24.97 5.91
C LYS A 215 36.38 23.97 6.14
N GLY A 216 36.49 22.82 5.49
CA GLY A 216 35.44 21.81 5.55
C GLY A 216 35.96 20.41 5.41
N THR A 217 35.20 19.47 5.97
CA THR A 217 35.47 18.04 5.82
C THR A 217 34.13 17.30 5.65
N LEU A 218 33.97 16.61 4.53
CA LEU A 218 32.87 15.67 4.38
C LEU A 218 33.33 14.32 4.93
N LEU A 219 32.56 13.76 5.87
CA LEU A 219 32.79 12.40 6.37
C LEU A 219 31.61 11.51 6.01
N ASP A 220 31.84 10.52 5.14
CA ASP A 220 30.85 9.47 4.85
C ASP A 220 31.61 8.24 4.31
N ARG A 221 30.94 7.31 3.63
CA ARG A 221 31.63 6.14 3.05
C ARG A 221 32.64 6.61 1.99
N ALA A 222 33.60 5.72 1.72
CA ALA A 222 34.67 5.99 0.76
C ALA A 222 34.16 6.26 -0.67
N PRO A 223 33.31 5.34 -1.21
CA PRO A 223 32.78 5.59 -2.58
C PRO A 223 31.89 6.85 -2.65
N THR A 224 31.21 7.13 -1.55
CA THR A 224 30.34 8.29 -1.44
C THR A 224 31.13 9.59 -1.49
N VAL A 225 32.13 9.74 -0.62
CA VAL A 225 32.94 10.98 -0.62
C VAL A 225 33.70 11.15 -1.94
N ALA A 226 34.17 10.03 -2.50
CA ALA A 226 34.81 10.03 -3.82
C ALA A 226 33.87 10.56 -4.90
N ALA A 227 32.61 10.16 -4.85
CA ALA A 227 31.60 10.70 -5.76
C ALA A 227 31.43 12.20 -5.53
N GLY A 228 31.46 12.62 -4.26
CA GLY A 228 31.48 14.04 -3.91
C GLY A 228 32.66 14.80 -4.50
N ARG A 229 33.84 14.21 -4.39
CA ARG A 229 35.08 14.82 -4.90
C ARG A 229 34.98 15.04 -6.40
N GLU A 230 34.51 14.03 -7.12
CA GLU A 230 34.37 14.12 -8.58
C GLU A 230 33.31 15.14 -8.99
N ALA A 231 32.25 15.28 -8.18
CA ALA A 231 31.16 16.22 -8.48
C ALA A 231 31.52 17.71 -8.29
N TRP A 232 32.22 18.05 -7.20
CA TRP A 232 32.57 19.45 -6.90
C TRP A 232 33.93 19.73 -6.22
N GLY A 233 34.79 18.72 -6.07
CA GLY A 233 36.12 18.89 -5.48
C GLY A 233 37.04 19.88 -6.22
N ALA A 234 36.80 20.04 -7.52
CA ALA A 234 37.49 21.03 -8.36
C ALA A 234 37.10 22.49 -8.08
N SER A 235 35.86 22.73 -7.65
CA SER A 235 35.39 24.11 -7.41
C SER A 235 36.15 24.76 -6.26
N GLU A 236 35.98 26.07 -6.12
CA GLU A 236 36.73 26.83 -5.09
C GLU A 236 36.41 26.30 -3.69
N ALA A 237 35.13 26.06 -3.44
CA ALA A 237 34.67 25.48 -2.18
C ALA A 237 35.20 24.06 -2.00
N GLY A 238 35.25 23.29 -3.09
CA GLY A 238 35.87 21.95 -3.10
C GLY A 238 37.32 21.96 -2.66
N GLN A 239 38.08 22.96 -3.11
CA GLN A 239 39.48 23.14 -2.69
C GLN A 239 39.68 23.35 -1.19
N ARG A 240 38.64 23.85 -0.52
CA ARG A 240 38.62 24.01 0.94
C ARG A 240 37.96 22.85 1.69
N CYS A 241 37.72 21.73 0.99
CA CYS A 241 37.10 20.56 1.59
C CYS A 241 38.04 19.36 1.53
N THR A 242 38.22 18.72 2.67
CA THR A 242 38.93 17.44 2.77
C THR A 242 37.90 16.32 2.65
N PHE A 243 37.95 15.60 1.53
CA PHE A 243 37.04 14.50 1.25
C PHE A 243 37.58 13.22 1.90
N SER A 244 36.87 12.76 2.93
CA SER A 244 37.42 11.85 3.90
C SER A 244 36.49 10.64 4.08
N GLY A 245 36.90 9.48 3.57
CA GLY A 245 36.13 8.24 3.68
C GLY A 245 36.25 7.60 5.06
N GLY A 246 35.18 6.96 5.52
CA GLY A 246 35.19 6.33 6.85
C GLY A 246 33.81 6.23 7.48
N SER A 247 33.77 5.67 8.68
CA SER A 247 32.54 5.36 9.39
C SER A 247 32.40 6.31 10.57
N PHE A 248 31.25 6.97 10.69
CA PHE A 248 31.00 7.86 11.85
C PHE A 248 30.74 7.13 13.20
N PHE A 249 30.84 5.80 13.24
CA PHE A 249 30.96 5.04 14.51
C PHE A 249 32.41 4.87 14.97
N ASP A 250 33.36 5.00 14.04
CA ASP A 250 34.79 5.16 14.38
C ASP A 250 35.11 6.59 14.78
N THR A 251 36.31 6.76 15.35
CA THR A 251 36.83 8.08 15.69
C THR A 251 36.85 8.94 14.41
N LEU A 252 36.36 10.18 14.52
CA LEU A 252 36.29 11.08 13.36
C LEU A 252 37.64 11.78 13.21
N PRO A 253 37.98 12.24 11.98
CA PRO A 253 39.08 13.16 11.79
C PRO A 253 39.18 14.25 12.86
N SER A 254 40.41 14.50 13.29
CA SER A 254 40.67 15.34 14.44
C SER A 254 40.63 16.82 14.05
N GLY A 255 40.17 17.66 14.96
CA GLY A 255 40.31 19.10 14.82
C GLY A 255 39.48 19.76 13.73
N ALA A 256 38.19 19.45 13.74
CA ALA A 256 37.19 20.35 13.17
C ALA A 256 36.51 20.90 14.39
N ASP A 257 36.12 22.17 14.34
CA ASP A 257 35.56 22.84 15.51
C ASP A 257 34.04 22.72 15.60
N ALA A 258 33.39 22.46 14.45
CA ALA A 258 31.96 22.18 14.40
C ALA A 258 31.68 20.89 13.62
N CYS A 259 30.84 20.02 14.21
CA CYS A 259 30.33 18.81 13.54
C CYS A 259 28.86 19.04 13.15
N LEU A 260 28.54 18.82 11.87
CA LEU A 260 27.18 18.97 11.33
C LEU A 260 26.50 17.60 11.25
N LEU A 261 25.23 17.53 11.61
CA LEU A 261 24.44 16.28 11.55
C LEU A 261 23.06 16.54 10.94
N VAL A 262 22.99 16.43 9.62
CA VAL A 262 21.79 16.78 8.86
C VAL A 262 21.02 15.52 8.48
N ASN A 263 19.91 15.26 9.16
CA ASN A 263 19.05 14.10 8.90
C ASN A 263 19.85 12.82 8.90
N VAL A 264 20.62 12.65 9.97
CA VAL A 264 21.37 11.42 10.20
C VAL A 264 20.83 10.68 11.41
N LEU A 265 20.47 11.39 12.48
CA LEU A 265 20.04 10.75 13.72
C LEU A 265 18.75 9.95 13.55
N HIS A 266 17.83 10.43 12.70
CA HIS A 266 16.56 9.70 12.49
C HIS A 266 16.74 8.29 11.89
N ASP A 267 17.87 8.04 11.24
CA ASP A 267 18.18 6.71 10.68
C ASP A 267 18.56 5.65 11.73
N TRP A 268 18.83 6.08 12.97
CA TRP A 268 19.49 5.21 13.98
C TRP A 268 18.70 5.05 15.28
N ALA A 269 18.75 3.83 15.82
CA ALA A 269 18.15 3.54 17.11
C ALA A 269 18.84 4.36 18.19
N ASP A 270 18.25 4.38 19.38
CA ASP A 270 18.74 5.22 20.47
C ASP A 270 20.20 4.95 20.81
N GLU A 271 20.57 3.68 20.92
CA GLU A 271 21.97 3.34 21.28
C GLU A 271 22.98 3.77 20.21
N HIS A 272 22.71 3.49 18.93
CA HIS A 272 23.61 3.86 17.83
C HIS A 272 23.72 5.37 17.65
N ALA A 273 22.58 6.04 17.65
CA ALA A 273 22.51 7.51 17.58
C ALA A 273 23.37 8.18 18.66
N LEU A 274 23.35 7.61 19.86
CA LEU A 274 24.18 8.08 20.96
C LEU A 274 25.68 7.97 20.63
N ALA A 275 26.10 6.82 20.11
CA ALA A 275 27.51 6.59 19.69
C ALA A 275 28.03 7.62 18.68
N VAL A 276 27.15 8.06 17.77
CA VAL A 276 27.49 9.07 16.77
C VAL A 276 27.65 10.43 17.47
N LEU A 277 26.75 10.72 18.40
CA LEU A 277 26.77 11.99 19.12
C LEU A 277 28.05 12.14 19.97
N ARG A 278 28.45 11.05 20.61
CA ARG A 278 29.71 11.02 21.35
C ARG A 278 30.92 11.19 20.44
N ARG A 279 30.92 10.46 19.33
CA ARG A 279 31.96 10.61 18.33
C ARG A 279 32.06 12.06 17.81
N CYS A 280 30.92 12.74 17.71
CA CYS A 280 30.91 14.16 17.34
C CYS A 280 31.45 15.05 18.45
N ALA A 281 31.15 14.72 19.71
CA ALA A 281 31.67 15.48 20.85
C ALA A 281 33.20 15.37 20.95
N GLU A 282 33.72 14.15 20.90
CA GLU A 282 35.16 13.89 20.82
C GLU A 282 35.86 14.83 19.85
N ALA A 283 35.42 14.79 18.60
CA ALA A 283 36.17 15.42 17.50
C ALA A 283 36.14 16.95 17.47
N VAL A 284 35.16 17.55 18.16
CA VAL A 284 35.08 19.01 18.32
C VAL A 284 35.65 19.50 19.67
N GLY A 285 35.69 18.59 20.65
CA GLY A 285 36.27 18.87 21.96
C GLY A 285 35.34 19.70 22.81
N PRO A 286 35.81 20.11 24.01
CA PRO A 286 35.01 21.01 24.84
C PRO A 286 34.95 22.41 24.20
N ARG A 287 33.81 23.08 24.35
CA ARG A 287 33.52 24.34 23.63
C ARG A 287 33.65 24.23 22.10
N GLY A 288 33.60 23.00 21.57
CA GLY A 288 33.33 22.76 20.17
C GLY A 288 31.83 22.77 20.02
N ARG A 289 31.31 22.66 18.80
CA ARG A 289 29.86 22.63 18.61
C ARG A 289 29.34 21.53 17.67
N VAL A 290 28.18 20.98 18.03
CA VAL A 290 27.51 19.91 17.29
C VAL A 290 26.19 20.48 16.79
N LEU A 291 26.11 20.69 15.48
CA LEU A 291 24.98 21.35 14.85
C LEU A 291 24.08 20.26 14.28
N ILE A 292 22.89 20.11 14.85
CA ILE A 292 21.92 19.09 14.40
C ILE A 292 20.79 19.74 13.60
N ALA A 293 20.39 19.08 12.51
CA ALA A 293 19.26 19.51 11.70
C ALA A 293 18.39 18.30 11.40
N GLU A 294 17.25 18.19 12.11
CA GLU A 294 16.23 17.17 11.86
C GLU A 294 14.87 17.85 11.73
N HIS A 295 13.91 17.13 11.13
CA HIS A 295 12.50 17.46 11.26
C HIS A 295 11.99 16.75 12.49
N LEU A 296 11.72 17.50 13.56
CA LEU A 296 11.30 16.91 14.83
C LEU A 296 9.78 16.75 14.91
N VAL A 297 9.35 15.71 15.63
CA VAL A 297 7.90 15.45 15.75
C VAL A 297 7.34 16.42 16.79
N GLU A 298 6.09 16.79 16.59
CA GLU A 298 5.41 17.81 17.38
C GLU A 298 4.17 17.17 18.02
N GLU A 299 4.23 16.89 19.33
CA GLU A 299 3.06 16.43 20.10
C GLU A 299 1.88 17.37 19.88
N GLY A 300 0.77 16.83 19.40
CA GLY A 300 -0.41 17.62 19.12
C GLY A 300 -0.56 17.96 17.66
N ALA A 301 0.46 17.61 16.86
CA ALA A 301 0.28 17.17 15.47
C ALA A 301 -0.40 18.18 14.56
N GLY A 302 -1.22 17.72 13.62
CA GLY A 302 -1.84 18.60 12.65
C GLY A 302 -2.05 17.92 11.33
N GLY A 303 -2.03 18.70 10.26
CA GLY A 303 -2.41 18.21 8.95
C GLY A 303 -1.24 17.57 8.23
N PRO A 304 -0.87 18.12 7.06
CA PRO A 304 0.01 17.41 6.14
C PRO A 304 1.46 17.27 6.62
N GLY A 305 1.96 18.26 7.37
CA GLY A 305 3.28 18.15 7.99
C GLY A 305 3.34 16.97 8.93
N ALA A 306 2.37 16.90 9.82
CA ALA A 306 2.36 15.92 10.90
C ALA A 306 2.18 14.50 10.42
N ALA A 307 1.26 14.33 9.46
CA ALA A 307 0.91 12.99 8.98
C ALA A 307 2.07 12.38 8.21
N GLY A 308 2.70 13.20 7.37
CA GLY A 308 3.88 12.79 6.58
C GLY A 308 5.05 12.27 7.41
N LEU A 309 5.32 12.98 8.51
CA LEU A 309 6.32 12.56 9.49
C LEU A 309 5.98 11.21 10.13
N ALA A 310 4.71 11.00 10.46
CA ALA A 310 4.24 9.74 11.01
C ALA A 310 4.34 8.60 10.00
N GLU A 311 4.08 8.89 8.72
CA GLU A 311 4.27 7.90 7.66
C GLU A 311 5.75 7.57 7.57
N LEU A 312 6.58 8.59 7.42
CA LEU A 312 8.02 8.41 7.32
C LEU A 312 8.57 7.62 8.51
N ASP A 313 8.04 7.90 9.71
CA ASP A 313 8.49 7.20 10.91
C ASP A 313 8.26 5.69 10.89
N LEU A 314 7.23 5.24 10.18
CA LEU A 314 7.02 3.80 9.99
C LEU A 314 8.02 3.23 9.01
N VAL A 315 8.36 3.98 7.98
CA VAL A 315 9.43 3.53 7.07
C VAL A 315 10.73 3.35 7.87
N MET A 316 10.98 4.28 8.77
CA MET A 316 12.18 4.24 9.59
C MET A 316 12.17 3.07 10.56
N MET A 317 11.00 2.68 11.04
CA MET A 317 10.85 1.52 11.91
C MET A 317 11.07 0.20 11.15
N LEU A 318 10.58 0.13 9.92
CA LEU A 318 10.55 -1.10 9.14
C LEU A 318 11.80 -1.32 8.27
N VAL A 319 12.43 -0.26 7.78
CA VAL A 319 13.60 -0.38 6.92
C VAL A 319 14.90 -0.30 7.74
N TYR A 320 15.01 0.76 8.53
CA TYR A 320 16.15 1.00 9.40
C TYR A 320 15.65 0.64 10.80
N GLY A 321 16.44 0.86 11.82
CA GLY A 321 15.92 0.77 13.20
C GLY A 321 15.82 2.17 13.78
N GLY A 322 15.28 3.10 12.99
CA GLY A 322 15.40 4.53 13.25
C GLY A 322 14.15 5.12 13.86
N ARG A 323 14.22 6.39 14.23
CA ARG A 323 13.06 7.11 14.76
C ARG A 323 13.08 8.58 14.43
N GLU A 324 11.88 9.12 14.21
CA GLU A 324 11.66 10.54 14.26
C GLU A 324 11.50 10.90 15.74
N ARG A 325 12.18 11.96 16.17
CA ARG A 325 12.27 12.31 17.58
C ARG A 325 11.73 13.70 17.87
N ARG A 326 11.35 13.92 19.12
CA ARG A 326 11.01 15.25 19.63
C ARG A 326 12.26 16.01 20.06
N LEU A 327 12.09 17.31 20.26
CA LEU A 327 13.14 18.17 20.80
C LEU A 327 13.74 17.61 22.09
N ASP A 328 12.87 17.06 22.94
CA ASP A 328 13.26 16.55 24.26
C ASP A 328 13.79 15.11 24.25
N GLU A 329 13.39 14.29 23.28
CA GLU A 329 14.02 12.97 23.06
C GLU A 329 15.48 13.16 22.62
N LEU A 330 15.68 14.22 21.83
CA LEU A 330 16.98 14.63 21.33
C LEU A 330 17.84 15.28 22.43
N ALA A 331 17.20 16.00 23.35
CA ALA A 331 17.87 16.49 24.56
C ALA A 331 18.35 15.34 25.47
N ASP A 332 17.51 14.32 25.67
CA ASP A 332 17.88 13.08 26.38
C ASP A 332 19.15 12.45 25.83
N LEU A 333 19.23 12.42 24.50
CA LEU A 333 20.32 11.76 23.78
C LEU A 333 21.60 12.60 23.91
N ALA A 334 21.48 13.90 23.62
CA ALA A 334 22.58 14.85 23.71
C ALA A 334 23.16 14.93 25.12
N GLY A 335 22.27 14.99 26.11
CA GLY A 335 22.65 14.94 27.52
C GLY A 335 23.52 13.75 27.91
N LYS A 336 23.22 12.59 27.36
CA LYS A 336 24.01 11.37 27.62
C LYS A 336 25.30 11.25 26.79
N ALA A 337 25.52 12.17 25.87
CA ALA A 337 26.77 12.27 25.11
C ALA A 337 27.66 13.42 25.59
N GLY A 338 27.36 13.98 26.76
CA GLY A 338 28.09 15.13 27.30
C GLY A 338 27.83 16.44 26.58
N LEU A 339 26.65 16.59 26.00
CA LEU A 339 26.29 17.79 25.25
C LEU A 339 25.04 18.39 25.85
N ARG A 340 24.86 19.70 25.68
CA ARG A 340 23.68 20.41 26.18
C ARG A 340 23.11 21.28 25.07
N ILE A 341 21.78 21.41 25.01
CA ILE A 341 21.15 22.18 23.94
C ILE A 341 21.43 23.65 24.22
N GLY A 342 22.07 24.31 23.27
CA GLY A 342 22.48 25.71 23.42
C GLY A 342 21.47 26.71 22.89
N ASP A 343 20.91 26.40 21.72
CA ASP A 343 20.01 27.27 20.98
C ASP A 343 19.20 26.36 20.10
N VAL A 344 17.91 26.64 20.01
CA VAL A 344 16.99 25.94 19.12
C VAL A 344 16.34 26.99 18.25
N SER A 345 16.56 26.89 16.95
CA SER A 345 15.81 27.67 15.97
C SER A 345 15.12 26.73 14.98
N MET A 346 14.22 27.31 14.20
CA MET A 346 13.50 26.63 13.13
C MET A 346 13.93 27.34 11.85
N THR A 347 14.18 26.58 10.81
CA THR A 347 14.42 27.17 9.51
C THR A 347 13.03 27.63 9.02
N PRO A 348 12.97 28.54 8.03
CA PRO A 348 11.64 29.03 7.61
C PRO A 348 10.82 28.01 6.81
N ARG A 349 11.29 26.77 6.75
CA ARG A 349 10.66 25.66 6.07
C ARG A 349 10.50 24.45 7.00
N GLY A 350 10.56 24.65 8.32
CA GLY A 350 10.23 23.60 9.27
C GLY A 350 11.35 22.76 9.86
N LEU A 351 12.51 22.76 9.21
CA LEU A 351 13.70 22.08 9.73
C LEU A 351 14.20 22.75 11.02
N SER A 352 14.13 22.04 12.15
CA SER A 352 14.65 22.60 13.41
C SER A 352 16.18 22.45 13.50
N LEU A 353 16.86 23.58 13.64
CA LEU A 353 18.30 23.65 13.81
C LEU A 353 18.65 23.81 15.30
N VAL A 354 19.43 22.86 15.83
CA VAL A 354 19.86 22.92 17.22
C VAL A 354 21.40 22.91 17.31
N VAL A 355 21.95 23.90 18.02
CA VAL A 355 23.38 23.93 18.33
C VAL A 355 23.53 23.29 19.69
N CYS A 356 24.55 22.43 19.83
CA CYS A 356 24.89 21.84 21.12
C CYS A 356 26.34 22.22 21.48
N GLU A 357 26.53 22.78 22.67
CA GLU A 357 27.86 23.06 23.23
C GLU A 357 28.25 21.85 24.10
N ALA A 358 29.52 21.47 24.06
CA ALA A 358 30.00 20.32 24.82
C ALA A 358 30.15 20.68 26.30
N GLU A 359 29.26 20.12 27.15
CA GLU A 359 29.17 20.49 28.59
C GLU A 359 30.39 20.08 29.42
N MET B 21 -3.36 19.54 -14.18
CA MET B 21 -2.83 19.76 -12.79
C MET B 21 -1.70 20.78 -12.84
N ALA B 22 -1.09 21.04 -11.69
CA ALA B 22 0.19 21.74 -11.63
C ALA B 22 0.96 21.35 -10.37
N ASP B 23 2.22 20.99 -10.58
CA ASP B 23 3.27 20.88 -9.56
C ASP B 23 2.81 20.61 -8.11
N ASP B 24 2.58 21.66 -7.31
CA ASP B 24 2.29 21.46 -5.90
C ASP B 24 1.01 20.66 -5.65
N ASP B 25 0.00 20.88 -6.48
CA ASP B 25 -1.22 20.09 -6.41
C ASP B 25 -0.99 18.63 -6.79
N ALA B 26 -0.15 18.43 -7.80
CA ALA B 26 0.19 17.07 -8.24
C ALA B 26 1.04 16.37 -7.19
N PHE B 27 1.90 17.14 -6.56
CA PHE B 27 2.74 16.63 -5.47
C PHE B 27 1.90 16.07 -4.34
N VAL B 28 0.96 16.88 -3.84
CA VAL B 28 0.12 16.48 -2.71
C VAL B 28 -0.71 15.24 -3.05
N HIS B 29 -1.19 15.20 -4.28
CA HIS B 29 -1.95 14.05 -4.74
C HIS B 29 -1.05 12.80 -4.80
N LEU B 30 0.11 12.92 -5.43
CA LEU B 30 1.01 11.76 -5.52
C LEU B 30 1.36 11.19 -4.18
N LEU B 31 1.55 12.06 -3.19
CA LEU B 31 1.87 11.61 -1.83
C LEU B 31 0.76 10.79 -1.18
N ARG B 32 -0.50 11.08 -1.52
CA ARG B 32 -1.59 10.18 -1.14
C ARG B 32 -1.44 8.85 -1.86
N LEU B 33 -1.28 8.90 -3.18
CA LEU B 33 -1.24 7.69 -3.98
C LEU B 33 -0.11 6.72 -3.62
N LYS B 34 1.00 7.24 -3.13
CA LYS B 34 2.21 6.44 -2.93
C LYS B 34 2.38 5.84 -1.54
N ASP B 35 1.42 6.07 -0.65
CA ASP B 35 1.55 5.64 0.74
C ASP B 35 1.28 4.15 0.86
N THR B 36 2.28 3.37 1.29
CA THR B 36 2.07 1.97 1.72
C THR B 36 2.13 1.71 3.21
N MET B 37 2.51 2.69 4.03
CA MET B 37 2.60 2.42 5.46
C MET B 37 1.19 2.36 6.03
N THR B 38 0.38 3.35 5.72
CA THR B 38 -1.01 3.40 6.20
C THR B 38 -1.83 2.11 5.98
N PRO B 39 -1.99 1.67 4.73
CA PRO B 39 -2.82 0.47 4.53
C PRO B 39 -2.35 -0.77 5.31
N TRP B 40 -1.04 -0.92 5.52
CA TRP B 40 -0.51 -2.03 6.32
C TRP B 40 -0.58 -1.76 7.82
N ALA B 41 -0.33 -0.52 8.23
CA ALA B 41 -0.62 -0.07 9.58
C ALA B 41 -2.05 -0.47 9.96
N LEU B 42 -3.00 -0.07 9.10
CA LEU B 42 -4.41 -0.44 9.23
C LEU B 42 -4.62 -1.96 9.30
N ARG B 43 -4.12 -2.71 8.31
CA ARG B 43 -4.26 -4.17 8.32
C ARG B 43 -3.72 -4.83 9.60
N ALA B 44 -2.53 -4.40 10.03
CA ALA B 44 -1.91 -4.93 11.25
C ALA B 44 -2.76 -4.67 12.50
N VAL B 45 -3.16 -3.42 12.65
CA VAL B 45 -3.97 -2.99 13.77
C VAL B 45 -5.30 -3.78 13.84
N VAL B 46 -5.87 -4.04 12.69
CA VAL B 46 -7.09 -4.85 12.63
C VAL B 46 -6.80 -6.29 13.07
N THR B 47 -5.71 -6.89 12.56
CA THR B 47 -5.27 -8.25 12.95
C THR B 47 -5.00 -8.40 14.45
N LEU B 48 -4.47 -7.35 15.08
CA LEU B 48 -4.23 -7.32 16.53
C LEU B 48 -5.49 -6.98 17.34
N GLY B 49 -6.51 -6.45 16.67
CA GLY B 49 -7.81 -6.21 17.29
C GLY B 49 -7.83 -4.99 18.19
N VAL B 50 -7.09 -3.96 17.79
CA VAL B 50 -7.10 -2.67 18.49
C VAL B 50 -8.48 -1.99 18.38
N PRO B 51 -9.19 -2.19 17.24
CA PRO B 51 -10.55 -1.64 17.15
C PRO B 51 -11.52 -2.13 18.22
N ASP B 52 -11.52 -3.44 18.48
CA ASP B 52 -12.26 -4.05 19.60
C ASP B 52 -11.81 -3.53 20.95
N LEU B 53 -10.49 -3.51 21.16
CA LEU B 53 -9.90 -3.07 22.41
C LEU B 53 -10.22 -1.62 22.81
N VAL B 54 -10.62 -0.77 21.86
CA VAL B 54 -10.98 0.63 22.16
C VAL B 54 -12.46 0.94 21.90
N ALA B 55 -13.27 -0.09 21.67
CA ALA B 55 -14.70 0.11 21.37
C ALA B 55 -15.41 0.81 22.51
N GLU B 56 -15.16 0.37 23.72
CA GLU B 56 -15.81 0.91 24.90
C GLU B 56 -15.14 2.21 25.37
N GLY B 57 -13.93 2.48 24.89
CA GLY B 57 -13.34 3.80 25.02
C GLY B 57 -11.83 3.89 24.92
N GLU B 58 -11.35 5.12 25.11
CA GLU B 58 -9.92 5.45 25.19
C GLU B 58 -9.13 4.49 26.07
N LYS B 59 -7.99 4.04 25.56
CA LYS B 59 -6.99 3.32 26.33
C LYS B 59 -5.66 3.95 26.05
N ASP B 60 -4.69 3.74 26.92
CA ASP B 60 -3.31 4.12 26.63
C ASP B 60 -2.63 2.92 25.98
N VAL B 61 -1.49 3.16 25.37
CA VAL B 61 -0.88 2.15 24.49
C VAL B 61 -0.29 1.01 25.29
N SER B 62 0.29 1.32 26.45
CA SER B 62 0.81 0.29 27.37
C SER B 62 -0.17 -0.87 27.51
N GLU B 63 -1.44 -0.55 27.71
CA GLU B 63 -2.51 -1.55 27.81
C GLU B 63 -2.86 -2.19 26.47
N LEU B 64 -2.93 -1.38 25.41
CA LEU B 64 -3.22 -1.89 24.06
C LEU B 64 -2.11 -2.85 23.55
N ALA B 65 -0.86 -2.45 23.80
CA ALA B 65 0.35 -3.23 23.50
C ALA B 65 0.38 -4.55 24.24
N GLN B 66 0.15 -4.47 25.54
CA GLN B 66 0.22 -5.61 26.45
C GLN B 66 -0.91 -6.60 26.15
N ARG B 67 -2.09 -6.07 25.80
CA ARG B 67 -3.23 -6.88 25.37
C ARG B 67 -3.09 -7.47 23.95
N SER B 68 -2.43 -6.75 23.04
CA SER B 68 -2.28 -7.19 21.63
C SER B 68 -1.11 -8.15 21.36
N GLY B 69 -0.11 -8.18 22.26
CA GLY B 69 1.12 -8.94 22.04
C GLY B 69 2.12 -8.18 21.19
N ALA B 70 2.26 -6.88 21.46
CA ALA B 70 3.05 -5.98 20.64
C ALA B 70 3.92 -5.08 21.49
N VAL B 71 5.06 -4.68 20.93
CA VAL B 71 6.00 -3.83 21.63
C VAL B 71 5.36 -2.47 21.76
N PRO B 72 5.25 -1.94 22.99
CA PRO B 72 4.65 -0.63 23.22
C PRO B 72 5.08 0.46 22.25
N ASP B 73 6.39 0.68 22.10
CA ASP B 73 6.89 1.71 21.18
C ASP B 73 6.44 1.48 19.73
N ALA B 74 6.54 0.23 19.28
CA ALA B 74 6.19 -0.14 17.92
C ALA B 74 4.74 0.18 17.63
N LEU B 75 3.85 -0.27 18.52
CA LEU B 75 2.41 -0.03 18.38
C LEU B 75 2.06 1.46 18.47
N ARG B 76 2.70 2.18 19.39
CA ARG B 76 2.46 3.62 19.55
C ARG B 76 2.64 4.38 18.26
N ARG B 77 3.76 4.11 17.58
CA ARG B 77 4.10 4.79 16.33
C ARG B 77 3.11 4.46 15.21
N VAL B 78 2.70 3.19 15.16
CA VAL B 78 1.66 2.70 14.24
C VAL B 78 0.31 3.38 14.49
N LEU B 79 -0.10 3.45 15.74
CA LEU B 79 -1.37 4.09 16.08
C LEU B 79 -1.36 5.59 15.86
N ARG B 80 -0.19 6.20 16.01
CA ARG B 80 -0.06 7.61 15.80
C ARG B 80 -0.25 7.92 14.31
N LEU B 81 0.35 7.13 13.43
CA LEU B 81 0.10 7.32 11.99
C LEU B 81 -1.40 7.22 11.75
N LEU B 82 -1.99 6.14 12.23
CA LEU B 82 -3.42 5.86 12.01
C LEU B 82 -4.36 6.86 12.67
N ALA B 83 -3.89 7.54 13.72
CA ALA B 83 -4.64 8.63 14.34
C ALA B 83 -4.61 9.85 13.43
N ARG B 84 -3.42 10.20 12.92
CA ARG B 84 -3.25 11.29 11.94
C ARG B 84 -4.12 11.11 10.68
N ARG B 85 -4.46 9.87 10.33
CA ARG B 85 -5.36 9.56 9.21
C ARG B 85 -6.86 9.50 9.58
N GLY B 86 -7.17 9.56 10.89
CA GLY B 86 -8.55 9.58 11.38
C GLY B 86 -9.18 8.24 11.71
N VAL B 87 -8.37 7.19 11.87
CA VAL B 87 -8.87 5.86 12.22
C VAL B 87 -9.12 5.78 13.73
N PHE B 88 -8.27 6.43 14.51
CA PHE B 88 -8.46 6.53 15.95
C PHE B 88 -8.40 7.98 16.35
N THR B 89 -8.79 8.23 17.60
CA THR B 89 -8.62 9.53 18.22
C THR B 89 -7.31 9.44 18.99
N GLU B 90 -6.72 10.59 19.28
CA GLU B 90 -5.57 10.71 20.18
C GLU B 90 -5.76 11.95 21.04
N PRO B 91 -6.73 11.90 21.98
CA PRO B 91 -7.14 13.10 22.72
C PRO B 91 -5.99 13.67 23.57
N ARG B 92 -5.29 12.78 24.25
CA ARG B 92 -4.07 13.08 24.99
C ARG B 92 -2.95 12.23 24.40
N PRO B 93 -1.68 12.66 24.53
CA PRO B 93 -0.56 12.08 23.82
C PRO B 93 -0.57 10.56 23.55
N ALA B 94 -0.39 9.68 24.52
CA ALA B 94 -0.26 8.25 24.16
C ALA B 94 -1.55 7.46 24.36
N VAL B 95 -2.71 8.13 24.30
CA VAL B 95 -4.00 7.44 24.52
C VAL B 95 -4.85 7.50 23.29
N PHE B 96 -5.42 6.36 22.93
CA PHE B 96 -6.11 6.17 21.65
C PHE B 96 -7.51 5.62 21.85
N GLY B 97 -8.46 6.11 21.04
CA GLY B 97 -9.86 5.74 21.19
C GLY B 97 -10.56 5.50 19.87
N PRO B 98 -11.88 5.22 19.92
CA PRO B 98 -12.60 4.84 18.72
C PRO B 98 -13.09 6.05 17.93
N THR B 99 -13.31 5.82 16.64
CA THR B 99 -13.93 6.78 15.71
C THR B 99 -14.96 6.02 14.88
N GLY B 100 -15.61 6.69 13.94
CA GLY B 100 -16.49 6.02 12.97
C GLY B 100 -15.77 4.96 12.13
N LEU B 101 -14.50 5.22 11.82
CA LEU B 101 -13.72 4.26 11.03
C LEU B 101 -13.43 3.03 11.88
N SER B 102 -12.91 3.25 13.09
CA SER B 102 -12.54 2.14 13.98
C SER B 102 -13.75 1.22 14.24
N ARG B 103 -14.94 1.80 14.35
CA ARG B 103 -16.19 1.05 14.54
C ARG B 103 -16.50 0.05 13.41
N LEU B 104 -16.24 0.45 12.16
CA LEU B 104 -16.34 -0.46 11.03
C LEU B 104 -15.37 -1.63 11.11
N LEU B 105 -14.25 -1.44 11.81
CA LEU B 105 -13.23 -2.47 11.97
C LEU B 105 -13.37 -3.34 13.21
N GLN B 106 -14.48 -3.18 13.95
CA GLN B 106 -14.75 -4.01 15.13
C GLN B 106 -15.38 -5.35 14.69
N SER B 107 -15.19 -6.37 15.51
CA SER B 107 -15.80 -7.69 15.28
C SER B 107 -17.32 -7.64 15.47
N ASP B 108 -17.75 -6.99 16.55
CA ASP B 108 -19.17 -6.61 16.80
C ASP B 108 -19.96 -6.23 15.53
N HIS B 109 -19.40 -5.26 14.79
CA HIS B 109 -20.16 -4.44 13.84
C HIS B 109 -20.86 -5.27 12.77
N PRO B 110 -22.16 -5.00 12.51
CA PRO B 110 -22.93 -5.89 11.61
C PRO B 110 -22.36 -5.98 10.21
N ARG B 111 -22.05 -4.83 9.62
CA ARG B 111 -21.35 -4.72 8.34
C ARG B 111 -19.84 -4.48 8.50
N SER B 112 -19.19 -5.32 9.32
CA SER B 112 -17.76 -5.16 9.66
C SER B 112 -16.83 -5.37 8.47
N MET B 113 -15.73 -4.64 8.45
CA MET B 113 -14.68 -4.86 7.47
C MET B 113 -13.49 -5.65 8.02
N ARG B 114 -13.58 -6.16 9.25
CA ARG B 114 -12.49 -6.96 9.81
C ARG B 114 -12.08 -8.11 8.90
N PRO B 115 -13.03 -8.93 8.42
CA PRO B 115 -12.60 -10.13 7.69
C PRO B 115 -11.88 -9.86 6.37
N TRP B 116 -12.04 -8.66 5.82
CA TRP B 116 -11.38 -8.24 4.58
C TRP B 116 -9.97 -7.67 4.85
N LEU B 117 -9.72 -7.23 6.09
CA LEU B 117 -8.45 -6.66 6.54
C LEU B 117 -7.78 -7.41 7.71
N ASP B 118 -8.27 -8.59 8.09
CA ASP B 118 -7.65 -9.40 9.14
C ASP B 118 -6.65 -10.29 8.44
N LEU B 119 -5.37 -10.15 8.79
CA LEU B 119 -4.28 -10.87 8.13
C LEU B 119 -4.20 -12.34 8.50
N GLU B 120 -4.82 -12.71 9.63
CA GLU B 120 -4.96 -14.10 9.99
C GLU B 120 -6.05 -14.76 9.14
N GLY B 121 -7.05 -13.97 8.74
CA GLY B 121 -8.02 -14.41 7.75
C GLY B 121 -7.44 -14.54 6.35
N PRO B 122 -8.24 -15.06 5.40
CA PRO B 122 -7.74 -15.38 4.06
C PRO B 122 -7.60 -14.17 3.12
N VAL B 123 -8.51 -13.22 3.20
CA VAL B 123 -8.64 -12.20 2.16
C VAL B 123 -7.47 -11.24 2.25
N ALA B 124 -7.27 -10.66 3.42
CA ALA B 124 -6.13 -9.75 3.65
C ALA B 124 -4.76 -10.45 3.47
N ARG B 125 -4.72 -11.77 3.66
CA ARG B 125 -3.49 -12.54 3.43
C ARG B 125 -3.00 -12.41 1.97
N GLY B 126 -3.92 -12.45 1.02
CA GLY B 126 -3.58 -12.27 -0.39
C GLY B 126 -3.00 -10.93 -0.81
N ASP B 127 -3.27 -9.88 -0.01
CA ASP B 127 -2.82 -8.51 -0.28
C ASP B 127 -1.30 -8.35 -0.22
N ARG B 128 -0.60 -9.28 0.43
CA ARG B 128 0.86 -9.29 0.43
C ARG B 128 1.48 -9.46 -0.97
N THR B 129 0.71 -9.98 -1.93
CA THR B 129 1.15 -10.06 -3.33
C THR B 129 1.43 -8.69 -3.97
N CYS B 130 1.02 -7.59 -3.34
CA CYS B 130 1.27 -6.26 -3.86
C CYS B 130 2.75 -6.02 -4.12
N VAL B 131 3.60 -6.49 -3.20
CA VAL B 131 5.06 -6.34 -3.33
C VAL B 131 5.71 -7.10 -4.51
N HIS B 132 4.98 -8.07 -5.09
CA HIS B 132 5.44 -8.80 -6.28
C HIS B 132 4.78 -8.38 -7.56
N ILE B 133 4.09 -7.24 -7.56
CA ILE B 133 3.44 -6.72 -8.76
C ILE B 133 4.32 -6.72 -10.03
N LEU B 134 5.61 -6.43 -9.90
CA LEU B 134 6.51 -6.43 -11.07
C LEU B 134 6.62 -7.80 -11.72
N GLU B 135 6.69 -8.86 -10.89
CA GLU B 135 6.70 -10.25 -11.41
C GLU B 135 5.37 -10.54 -12.09
N ALA B 136 4.26 -10.15 -11.46
CA ALA B 136 2.96 -10.25 -12.08
C ALA B 136 2.90 -9.55 -13.43
N LEU B 137 3.60 -8.43 -13.57
CA LEU B 137 3.69 -7.71 -14.86
C LEU B 137 4.54 -8.45 -15.89
N ARG B 138 5.57 -9.16 -15.43
CA ARG B 138 6.40 -9.99 -16.33
C ARG B 138 5.64 -11.20 -16.86
N THR B 139 5.12 -12.02 -15.95
CA THR B 139 4.53 -13.32 -16.31
C THR B 139 3.10 -13.22 -16.75
N GLY B 140 2.37 -12.20 -16.28
CA GLY B 140 0.93 -12.08 -16.50
C GLY B 140 0.11 -12.73 -15.40
N GLY B 141 0.48 -13.96 -15.03
CA GLY B 141 -0.28 -14.76 -14.06
C GLY B 141 -0.12 -14.31 -12.62
N PRO B 142 -0.93 -14.87 -11.71
CA PRO B 142 -0.95 -14.44 -10.32
C PRO B 142 0.35 -14.75 -9.61
N VAL B 143 0.55 -14.14 -8.44
CA VAL B 143 1.77 -14.29 -7.66
C VAL B 143 1.47 -14.62 -6.19
N HIS B 144 0.34 -15.28 -5.95
CA HIS B 144 0.00 -15.83 -4.64
C HIS B 144 0.88 -17.03 -4.38
N GLU B 145 1.18 -17.79 -5.44
CA GLU B 145 2.11 -18.91 -5.33
C GLU B 145 3.52 -18.45 -5.00
N ARG B 146 3.95 -17.37 -5.65
CA ARG B 146 5.24 -16.77 -5.33
C ARG B 146 5.33 -16.31 -3.86
N THR B 147 4.23 -15.76 -3.34
CA THR B 147 4.21 -15.19 -1.98
C THR B 147 4.12 -16.27 -0.89
N TYR B 148 3.30 -17.30 -1.11
CA TYR B 148 2.99 -18.30 -0.07
C TYR B 148 3.27 -19.77 -0.43
N GLY B 149 3.83 -20.05 -1.61
CA GLY B 149 4.16 -21.42 -2.01
C GLY B 149 3.11 -22.10 -2.87
N ARG B 150 1.83 -21.91 -2.56
CA ARG B 150 0.74 -22.52 -3.31
C ARG B 150 -0.08 -21.44 -3.98
N PRO B 151 -0.72 -21.75 -5.11
CA PRO B 151 -1.75 -20.85 -5.64
C PRO B 151 -2.86 -20.64 -4.61
N VAL B 152 -3.78 -19.72 -4.89
CA VAL B 152 -4.76 -19.32 -3.88
C VAL B 152 -5.72 -20.46 -3.53
N TRP B 153 -6.23 -21.18 -4.55
CA TRP B 153 -7.22 -22.23 -4.31
C TRP B 153 -6.71 -23.44 -3.55
N GLU B 154 -5.45 -23.78 -3.76
CA GLU B 154 -4.86 -24.94 -3.10
C GLU B 154 -4.70 -24.74 -1.59
N ASP B 155 -4.05 -23.66 -1.16
CA ASP B 155 -3.81 -23.48 0.30
C ASP B 155 -4.99 -22.89 1.10
N LEU B 156 -6.09 -22.60 0.43
CA LEU B 156 -7.38 -22.43 1.12
C LEU B 156 -7.88 -23.81 1.58
N ALA B 157 -7.96 -24.73 0.62
CA ALA B 157 -8.38 -26.11 0.87
C ALA B 157 -7.37 -26.90 1.72
N ALA B 158 -6.09 -26.55 1.61
CA ALA B 158 -5.04 -27.18 2.42
C ALA B 158 -5.14 -26.85 3.91
N ARG B 159 -5.74 -25.71 4.27
CA ARG B 159 -6.04 -25.38 5.69
C ARG B 159 -7.47 -24.84 5.85
N PRO B 160 -8.46 -25.73 6.08
CA PRO B 160 -9.88 -25.31 6.10
C PRO B 160 -10.31 -24.29 7.17
N ALA B 161 -9.42 -23.94 8.11
CA ALA B 161 -9.61 -22.77 8.99
C ALA B 161 -9.78 -21.48 8.16
N LEU B 162 -8.90 -21.31 7.17
CA LEU B 162 -9.00 -20.23 6.18
C LEU B 162 -10.19 -20.46 5.23
N GLY B 163 -10.36 -21.71 4.79
CA GLY B 163 -11.50 -22.11 3.94
C GLY B 163 -12.89 -21.81 4.49
N ALA B 164 -13.03 -21.86 5.82
CA ALA B 164 -14.30 -21.52 6.50
C ALA B 164 -14.44 -20.02 6.79
N ALA B 165 -13.29 -19.36 6.96
CA ALA B 165 -13.22 -17.91 7.12
C ALA B 165 -13.55 -17.17 5.80
N PHE B 166 -13.11 -17.76 4.68
CA PHE B 166 -13.41 -17.26 3.33
C PHE B 166 -14.90 -17.29 3.08
N ASP B 167 -15.52 -18.44 3.34
CA ASP B 167 -16.96 -18.61 3.18
C ASP B 167 -17.75 -17.63 4.06
N ALA B 168 -17.28 -17.41 5.28
CA ALA B 168 -17.85 -16.42 6.20
C ALA B 168 -17.84 -14.99 5.60
N ALA B 169 -16.73 -14.59 4.98
CA ALA B 169 -16.60 -13.27 4.36
C ALA B 169 -17.41 -13.15 3.07
N MET B 170 -17.39 -14.19 2.25
CA MET B 170 -18.24 -14.24 1.04
C MET B 170 -19.73 -14.27 1.40
N ALA B 171 -20.06 -14.93 2.50
CA ALA B 171 -21.43 -14.87 3.05
C ALA B 171 -21.87 -13.43 3.32
N GLN B 172 -20.94 -12.60 3.76
CA GLN B 172 -21.24 -11.21 4.09
C GLN B 172 -21.48 -10.33 2.86
N ARG B 173 -20.68 -10.49 1.79
CA ARG B 173 -20.91 -9.75 0.53
C ARG B 173 -22.19 -10.19 -0.18
N ALA B 174 -22.55 -11.47 -0.01
CA ALA B 174 -23.84 -11.99 -0.51
C ALA B 174 -25.01 -11.23 0.13
N SER B 175 -25.06 -11.24 1.46
CA SER B 175 -26.05 -10.50 2.26
C SER B 175 -26.25 -9.08 1.73
N TRP B 176 -25.15 -8.35 1.58
CA TRP B 176 -25.13 -6.98 1.06
C TRP B 176 -26.04 -6.75 -0.16
N ILE B 177 -25.94 -7.67 -1.12
CA ILE B 177 -26.53 -7.49 -2.45
C ILE B 177 -27.77 -8.37 -2.72
N ALA B 178 -27.99 -9.39 -1.87
CA ALA B 178 -29.07 -10.39 -2.05
C ALA B 178 -30.45 -9.84 -2.39
N GLY B 179 -30.85 -8.78 -1.71
CA GLY B 179 -32.14 -8.14 -1.96
C GLY B 179 -32.23 -7.56 -3.35
N ASP B 180 -31.17 -6.88 -3.77
CA ASP B 180 -31.10 -6.25 -5.10
C ASP B 180 -31.22 -7.25 -6.27
N VAL B 181 -30.71 -8.46 -6.07
CA VAL B 181 -30.76 -9.53 -7.08
C VAL B 181 -32.21 -10.02 -7.27
N ALA B 182 -32.83 -10.45 -6.17
CA ALA B 182 -34.20 -10.93 -6.19
C ALA B 182 -35.17 -9.90 -6.78
N ALA B 183 -35.00 -8.64 -6.42
CA ALA B 183 -35.80 -7.54 -6.98
C ALA B 183 -35.60 -7.36 -8.50
N GLY B 184 -34.35 -7.39 -8.95
CA GLY B 184 -33.98 -6.98 -10.32
C GLY B 184 -34.17 -7.97 -11.47
N PHE B 185 -34.44 -9.23 -11.14
CA PHE B 185 -34.79 -10.26 -12.12
C PHE B 185 -36.29 -10.61 -12.06
N ASP B 186 -36.88 -10.84 -13.22
CA ASP B 186 -38.22 -11.43 -13.33
C ASP B 186 -38.10 -12.94 -13.08
N TRP B 187 -39.02 -13.49 -12.28
CA TRP B 187 -39.04 -14.93 -11.99
C TRP B 187 -40.35 -15.63 -12.43
N SER B 188 -41.13 -14.94 -13.28
CA SER B 188 -42.44 -15.41 -13.75
C SER B 188 -42.38 -16.76 -14.46
N ALA B 189 -41.41 -16.88 -15.37
CA ALA B 189 -41.24 -18.09 -16.16
C ALA B 189 -40.20 -19.05 -15.56
N VAL B 190 -39.94 -18.94 -14.26
CA VAL B 190 -38.96 -19.82 -13.61
C VAL B 190 -39.66 -20.75 -12.64
N ARG B 191 -39.15 -21.97 -12.56
CA ARG B 191 -39.62 -22.97 -11.61
C ARG B 191 -38.51 -23.21 -10.59
N HIS B 192 -37.40 -23.77 -11.08
CA HIS B 192 -36.28 -24.21 -10.23
C HIS B 192 -35.01 -23.40 -10.54
N VAL B 193 -34.57 -22.61 -9.55
CA VAL B 193 -33.37 -21.76 -9.65
C VAL B 193 -32.19 -22.51 -9.05
N MET B 194 -31.00 -22.28 -9.58
CA MET B 194 -29.79 -22.91 -9.06
C MET B 194 -28.72 -21.85 -8.84
N ASP B 195 -28.40 -21.57 -7.58
CA ASP B 195 -27.32 -20.65 -7.23
C ASP B 195 -26.00 -21.40 -7.40
N VAL B 196 -25.46 -21.33 -8.62
CA VAL B 196 -24.18 -21.93 -8.95
C VAL B 196 -23.13 -21.02 -8.34
N GLY B 197 -22.29 -21.58 -7.47
CA GLY B 197 -21.26 -20.82 -6.77
C GLY B 197 -21.85 -19.79 -5.82
N GLY B 198 -22.93 -20.16 -5.16
CA GLY B 198 -23.66 -19.29 -4.25
C GLY B 198 -23.22 -19.30 -2.80
N GLY B 199 -22.21 -20.10 -2.47
CA GLY B 199 -21.60 -20.11 -1.14
C GLY B 199 -22.44 -20.84 -0.11
N THR B 200 -22.89 -20.09 0.90
CA THR B 200 -23.83 -20.58 1.90
C THR B 200 -25.28 -20.23 1.54
N GLY B 201 -25.50 -19.77 0.30
CA GLY B 201 -26.85 -19.62 -0.25
C GLY B 201 -27.58 -18.38 0.19
N GLY B 202 -26.85 -17.40 0.71
CA GLY B 202 -27.43 -16.11 1.10
C GLY B 202 -28.37 -15.53 0.07
N VAL B 203 -27.95 -15.54 -1.19
CA VAL B 203 -28.75 -14.96 -2.28
C VAL B 203 -29.91 -15.89 -2.66
N LEU B 204 -29.66 -17.21 -2.69
CA LEU B 204 -30.73 -18.17 -3.01
C LEU B 204 -31.88 -18.04 -2.02
N ALA B 205 -31.55 -18.16 -0.73
CA ALA B 205 -32.53 -18.03 0.37
C ALA B 205 -33.41 -16.78 0.26
N GLU B 206 -32.80 -15.64 -0.05
CA GLU B 206 -33.49 -14.37 -0.23
C GLU B 206 -34.50 -14.40 -1.40
N VAL B 207 -34.13 -15.06 -2.49
CA VAL B 207 -34.98 -15.17 -3.68
C VAL B 207 -36.18 -16.09 -3.40
N LEU B 208 -35.92 -17.28 -2.86
CA LEU B 208 -36.94 -18.29 -2.56
C LEU B 208 -38.01 -17.79 -1.58
N ARG B 209 -37.59 -17.12 -0.51
CA ARG B 209 -38.54 -16.59 0.47
C ARG B 209 -39.29 -15.34 -0.06
N ALA B 210 -38.69 -14.62 -1.01
CA ALA B 210 -39.35 -13.52 -1.71
C ALA B 210 -40.27 -13.97 -2.85
N ARG B 211 -40.00 -15.14 -3.42
CA ARG B 211 -40.86 -15.77 -4.43
C ARG B 211 -41.21 -17.19 -3.96
N PRO B 212 -42.34 -17.34 -3.23
CA PRO B 212 -42.63 -18.57 -2.49
C PRO B 212 -42.92 -19.80 -3.35
N GLY B 213 -43.46 -19.58 -4.56
CA GLY B 213 -43.69 -20.67 -5.52
C GLY B 213 -42.43 -21.40 -5.93
N LEU B 214 -41.34 -20.66 -6.16
CA LEU B 214 -40.07 -21.21 -6.65
C LEU B 214 -39.48 -22.33 -5.81
N LYS B 215 -38.75 -23.21 -6.49
CA LYS B 215 -37.88 -24.19 -5.86
C LYS B 215 -36.46 -23.68 -6.04
N GLY B 216 -35.50 -24.37 -5.42
CA GLY B 216 -34.10 -23.95 -5.47
C GLY B 216 -33.09 -25.06 -5.27
N THR B 217 -31.85 -24.81 -5.68
CA THR B 217 -30.72 -25.71 -5.42
C THR B 217 -29.49 -24.87 -5.15
N LEU B 218 -28.78 -25.19 -4.07
CA LEU B 218 -27.49 -24.57 -3.80
C LEU B 218 -26.41 -25.54 -4.22
N LEU B 219 -25.51 -25.06 -5.06
CA LEU B 219 -24.33 -25.81 -5.45
C LEU B 219 -23.09 -25.08 -4.97
N ASP B 220 -22.21 -25.80 -4.28
CA ASP B 220 -20.89 -25.29 -3.92
C ASP B 220 -20.03 -26.47 -3.42
N ARG B 221 -19.11 -26.23 -2.49
CA ARG B 221 -18.12 -27.23 -2.05
C ARG B 221 -18.79 -28.18 -1.05
N ALA B 222 -18.07 -29.24 -0.69
CA ALA B 222 -18.59 -30.25 0.25
C ALA B 222 -18.98 -29.67 1.62
N PRO B 223 -18.02 -29.04 2.35
CA PRO B 223 -18.38 -28.42 3.64
C PRO B 223 -19.27 -27.17 3.55
N THR B 224 -19.03 -26.30 2.57
CA THR B 224 -19.70 -25.00 2.49
C THR B 224 -21.22 -25.12 2.27
N VAL B 225 -21.67 -26.13 1.51
CA VAL B 225 -23.10 -26.35 1.32
C VAL B 225 -23.79 -26.90 2.57
N ALA B 226 -23.07 -27.76 3.30
CA ALA B 226 -23.55 -28.27 4.59
C ALA B 226 -23.66 -27.16 5.64
N ALA B 227 -22.72 -26.20 5.61
CA ALA B 227 -22.77 -25.01 6.47
C ALA B 227 -23.92 -24.06 6.10
N GLY B 228 -24.26 -24.02 4.82
CA GLY B 228 -25.46 -23.31 4.34
C GLY B 228 -26.72 -24.03 4.77
N ARG B 229 -26.73 -25.35 4.60
CA ARG B 229 -27.80 -26.23 5.09
C ARG B 229 -28.05 -26.00 6.58
N GLU B 230 -26.97 -25.97 7.36
CA GLU B 230 -27.01 -25.65 8.79
C GLU B 230 -27.77 -24.35 9.12
N ALA B 231 -27.36 -23.25 8.52
CA ALA B 231 -27.86 -21.92 8.91
C ALA B 231 -29.31 -21.63 8.54
N TRP B 232 -29.86 -22.35 7.54
CA TRP B 232 -31.27 -22.15 7.14
C TRP B 232 -31.97 -23.34 6.44
N GLY B 233 -31.35 -24.52 6.39
CA GLY B 233 -31.88 -25.67 5.61
C GLY B 233 -33.05 -26.42 6.22
N ALA B 234 -33.45 -26.05 7.44
CA ALA B 234 -34.71 -26.48 8.04
C ALA B 234 -35.78 -25.35 8.06
N SER B 235 -35.40 -24.12 7.69
CA SER B 235 -36.37 -23.01 7.57
C SER B 235 -37.28 -23.17 6.35
N GLU B 236 -38.31 -22.33 6.25
CA GLU B 236 -39.37 -22.50 5.24
C GLU B 236 -38.87 -22.37 3.79
N ALA B 237 -37.84 -21.55 3.56
CA ALA B 237 -37.16 -21.50 2.27
C ALA B 237 -36.24 -22.71 2.10
N GLY B 238 -35.53 -23.09 3.15
CA GLY B 238 -34.63 -24.26 3.14
C GLY B 238 -35.27 -25.61 2.84
N GLN B 239 -36.55 -25.74 3.13
CA GLN B 239 -37.32 -26.94 2.78
C GLN B 239 -37.37 -27.13 1.26
N ARG B 240 -37.56 -26.04 0.52
CA ARG B 240 -37.65 -26.05 -0.94
C ARG B 240 -36.28 -25.99 -1.67
N CYS B 241 -35.21 -26.38 -0.98
CA CYS B 241 -33.86 -26.10 -1.41
C CYS B 241 -32.99 -27.34 -1.31
N THR B 242 -32.52 -27.83 -2.45
CA THR B 242 -31.49 -28.86 -2.46
C THR B 242 -30.16 -28.24 -2.04
N PHE B 243 -29.39 -28.99 -1.25
CA PHE B 243 -28.05 -28.60 -0.83
C PHE B 243 -27.09 -29.65 -1.35
N SER B 244 -26.48 -29.34 -2.50
CA SER B 244 -25.69 -30.31 -3.25
C SER B 244 -24.23 -29.90 -3.31
N GLY B 245 -23.34 -30.79 -2.88
CA GLY B 245 -21.90 -30.55 -2.97
C GLY B 245 -21.39 -30.67 -4.40
N GLY B 246 -20.07 -30.62 -4.56
CA GLY B 246 -19.40 -30.82 -5.86
C GLY B 246 -19.07 -29.55 -6.63
N SER B 247 -18.01 -29.64 -7.44
CA SER B 247 -17.47 -28.50 -8.18
C SER B 247 -18.37 -28.12 -9.36
N PHE B 248 -18.62 -26.81 -9.53
CA PHE B 248 -19.32 -26.29 -10.73
C PHE B 248 -18.59 -26.52 -12.08
N PHE B 249 -17.33 -26.94 -12.05
CA PHE B 249 -16.63 -27.36 -13.26
C PHE B 249 -17.10 -28.73 -13.78
N ASP B 250 -17.62 -29.58 -12.89
CA ASP B 250 -18.26 -30.85 -13.28
C ASP B 250 -19.72 -30.61 -13.73
N THR B 251 -20.33 -31.64 -14.32
CA THR B 251 -21.72 -31.57 -14.78
C THR B 251 -22.61 -31.15 -13.61
N LEU B 252 -23.51 -30.21 -13.84
CA LEU B 252 -24.31 -29.67 -12.77
C LEU B 252 -25.53 -30.57 -12.50
N PRO B 253 -26.01 -30.63 -11.22
CA PRO B 253 -27.31 -31.19 -10.85
C PRO B 253 -28.49 -30.72 -11.72
N SER B 254 -29.41 -31.65 -11.98
CA SER B 254 -30.39 -31.52 -13.05
C SER B 254 -31.72 -30.95 -12.56
N GLY B 255 -32.60 -30.66 -13.52
CA GLY B 255 -33.94 -30.14 -13.22
C GLY B 255 -33.98 -28.64 -12.99
N ALA B 256 -32.89 -27.94 -13.32
CA ALA B 256 -32.85 -26.48 -13.27
C ALA B 256 -33.29 -25.94 -14.63
N ASP B 257 -34.08 -24.86 -14.59
CA ASP B 257 -34.43 -24.09 -15.80
C ASP B 257 -33.90 -22.63 -15.73
N ALA B 258 -33.06 -22.37 -14.73
CA ALA B 258 -32.39 -21.08 -14.56
C ALA B 258 -31.19 -21.26 -13.63
N CYS B 259 -29.99 -20.96 -14.15
CA CYS B 259 -28.75 -20.98 -13.35
C CYS B 259 -28.34 -19.55 -12.98
N LEU B 260 -27.95 -19.38 -11.71
CA LEU B 260 -27.67 -18.08 -11.14
C LEU B 260 -26.17 -17.98 -10.79
N LEU B 261 -25.52 -16.97 -11.37
CA LEU B 261 -24.09 -16.70 -11.18
C LEU B 261 -23.94 -15.29 -10.59
N VAL B 262 -23.72 -15.21 -9.28
CA VAL B 262 -23.54 -13.94 -8.57
C VAL B 262 -22.10 -13.79 -8.09
N ASN B 263 -21.38 -12.82 -8.65
CA ASN B 263 -19.99 -12.52 -8.31
C ASN B 263 -19.10 -13.75 -8.26
N VAL B 264 -19.22 -14.59 -9.28
CA VAL B 264 -18.44 -15.84 -9.38
C VAL B 264 -17.37 -15.74 -10.49
N LEU B 265 -17.72 -15.14 -11.62
CA LEU B 265 -16.86 -15.15 -12.79
C LEU B 265 -15.55 -14.34 -12.66
N HIS B 266 -15.58 -13.29 -11.84
CA HIS B 266 -14.39 -12.46 -11.61
C HIS B 266 -13.28 -13.20 -10.86
N ASP B 267 -13.59 -14.33 -10.21
CA ASP B 267 -12.56 -15.18 -9.59
C ASP B 267 -11.73 -16.00 -10.60
N TRP B 268 -12.14 -16.07 -11.87
CA TRP B 268 -11.58 -17.03 -12.85
C TRP B 268 -11.06 -16.41 -14.13
N ALA B 269 -9.91 -16.93 -14.60
CA ALA B 269 -9.36 -16.58 -15.90
C ALA B 269 -10.30 -17.08 -16.98
N ASP B 270 -10.13 -16.57 -18.19
CA ASP B 270 -11.15 -16.71 -19.25
C ASP B 270 -11.53 -18.17 -19.60
N GLU B 271 -10.54 -19.07 -19.50
CA GLU B 271 -10.74 -20.50 -19.83
C GLU B 271 -11.67 -21.17 -18.81
N HIS B 272 -11.43 -20.86 -17.54
CA HIS B 272 -12.14 -21.47 -16.43
C HIS B 272 -13.53 -20.84 -16.29
N ALA B 273 -13.63 -19.54 -16.55
CA ALA B 273 -14.91 -18.85 -16.62
C ALA B 273 -15.78 -19.42 -17.73
N LEU B 274 -15.16 -19.74 -18.86
CA LEU B 274 -15.88 -20.34 -19.98
C LEU B 274 -16.44 -21.70 -19.62
N ALA B 275 -15.63 -22.53 -18.95
CA ALA B 275 -16.08 -23.86 -18.47
C ALA B 275 -17.38 -23.78 -17.66
N VAL B 276 -17.37 -22.96 -16.60
CA VAL B 276 -18.53 -22.79 -15.70
C VAL B 276 -19.77 -22.38 -16.50
N LEU B 277 -19.61 -21.38 -17.35
CA LEU B 277 -20.71 -20.90 -18.19
C LEU B 277 -21.22 -22.01 -19.09
N ARG B 278 -20.31 -22.80 -19.65
CA ARG B 278 -20.70 -23.97 -20.45
C ARG B 278 -21.50 -24.96 -19.63
N ARG B 279 -21.05 -25.23 -18.41
CA ARG B 279 -21.79 -26.10 -17.51
C ARG B 279 -23.19 -25.56 -17.17
N CYS B 280 -23.30 -24.24 -17.00
CA CYS B 280 -24.59 -23.60 -16.76
C CYS B 280 -25.52 -23.64 -17.94
N ALA B 281 -25.01 -23.41 -19.14
CA ALA B 281 -25.83 -23.45 -20.34
C ALA B 281 -26.27 -24.88 -20.67
N GLU B 282 -25.34 -25.84 -20.48
CA GLU B 282 -25.66 -27.28 -20.59
C GLU B 282 -26.83 -27.63 -19.67
N ALA B 283 -26.69 -27.28 -18.39
CA ALA B 283 -27.66 -27.67 -17.36
C ALA B 283 -29.05 -27.00 -17.45
N VAL B 284 -29.14 -25.75 -17.90
CA VAL B 284 -30.46 -25.05 -17.96
C VAL B 284 -31.32 -25.40 -19.18
N GLY B 285 -30.69 -25.82 -20.27
CA GLY B 285 -31.37 -26.32 -21.47
C GLY B 285 -31.98 -25.27 -22.38
N PRO B 286 -32.24 -25.64 -23.66
CA PRO B 286 -32.70 -24.77 -24.74
C PRO B 286 -33.56 -23.58 -24.33
N ARG B 287 -34.69 -23.83 -23.69
CA ARG B 287 -35.67 -22.78 -23.39
C ARG B 287 -35.36 -22.06 -22.06
N GLY B 288 -34.35 -22.54 -21.34
CA GLY B 288 -33.91 -21.94 -20.07
C GLY B 288 -33.12 -20.62 -20.15
N ARG B 289 -32.53 -20.26 -19.02
CA ARG B 289 -31.84 -18.96 -18.83
C ARG B 289 -30.60 -19.15 -17.96
N VAL B 290 -29.63 -18.24 -18.11
CA VAL B 290 -28.50 -18.14 -17.19
C VAL B 290 -28.41 -16.68 -16.76
N LEU B 291 -28.49 -16.46 -15.45
CA LEU B 291 -28.67 -15.13 -14.86
C LEU B 291 -27.38 -14.71 -14.18
N ILE B 292 -26.74 -13.68 -14.73
CA ILE B 292 -25.41 -13.25 -14.30
C ILE B 292 -25.52 -11.88 -13.63
N ALA B 293 -24.95 -11.82 -12.42
CA ALA B 293 -24.83 -10.60 -11.63
C ALA B 293 -23.35 -10.39 -11.30
N GLU B 294 -22.75 -9.37 -11.90
CA GLU B 294 -21.37 -8.94 -11.59
C GLU B 294 -21.40 -7.43 -11.53
N HIS B 295 -20.35 -6.83 -10.97
CA HIS B 295 -20.08 -5.40 -11.12
C HIS B 295 -19.19 -5.29 -12.34
N LEU B 296 -19.66 -4.60 -13.38
CA LEU B 296 -18.95 -4.52 -14.66
C LEU B 296 -18.14 -3.25 -14.85
N VAL B 297 -16.95 -3.39 -15.44
CA VAL B 297 -16.07 -2.24 -15.74
C VAL B 297 -16.58 -1.55 -17.02
N GLU B 298 -16.43 -0.23 -17.06
CA GLU B 298 -16.88 0.62 -18.17
C GLU B 298 -15.72 1.01 -19.05
N GLU B 299 -16.04 1.52 -20.25
CA GLU B 299 -15.00 1.97 -21.20
C GLU B 299 -14.42 3.32 -20.80
N GLY B 300 -13.49 3.30 -19.85
CA GLY B 300 -12.79 4.50 -19.40
C GLY B 300 -13.68 5.44 -18.62
N ALA B 301 -13.09 6.15 -17.66
CA ALA B 301 -13.81 7.06 -16.75
C ALA B 301 -14.84 6.35 -15.86
N GLY B 302 -15.85 5.75 -16.48
CA GLY B 302 -16.87 5.00 -15.77
C GLY B 302 -17.77 5.97 -15.06
N GLY B 303 -17.94 5.76 -13.76
CA GLY B 303 -18.64 6.71 -12.88
C GLY B 303 -18.04 6.63 -11.48
N PRO B 304 -18.87 6.73 -10.43
CA PRO B 304 -18.34 6.49 -9.08
C PRO B 304 -18.01 5.01 -8.87
N GLY B 305 -16.93 4.71 -8.17
CA GLY B 305 -16.51 3.33 -7.94
C GLY B 305 -15.86 2.59 -9.12
N ALA B 306 -15.49 3.31 -10.17
CA ALA B 306 -14.61 2.78 -11.22
C ALA B 306 -13.16 2.65 -10.70
N ALA B 307 -12.73 3.61 -9.88
CA ALA B 307 -11.45 3.53 -9.14
C ALA B 307 -11.35 2.30 -8.23
N GLY B 308 -12.42 1.99 -7.51
CA GLY B 308 -12.43 0.82 -6.63
C GLY B 308 -12.44 -0.50 -7.39
N LEU B 309 -13.18 -0.54 -8.50
CA LEU B 309 -13.27 -1.74 -9.32
C LEU B 309 -11.92 -2.07 -9.99
N ALA B 310 -11.20 -1.04 -10.44
CA ALA B 310 -9.88 -1.23 -11.03
C ALA B 310 -8.86 -1.63 -9.96
N GLU B 311 -9.06 -1.16 -8.72
CA GLU B 311 -8.27 -1.62 -7.59
C GLU B 311 -8.54 -3.11 -7.37
N LEU B 312 -9.81 -3.49 -7.39
CA LEU B 312 -10.23 -4.88 -7.18
C LEU B 312 -9.66 -5.79 -8.25
N ASP B 313 -9.76 -5.33 -9.48
CA ASP B 313 -9.18 -6.00 -10.64
C ASP B 313 -7.73 -6.44 -10.42
N LEU B 314 -6.94 -5.53 -9.86
CA LEU B 314 -5.54 -5.80 -9.54
C LEU B 314 -5.36 -6.87 -8.44
N VAL B 315 -6.27 -6.89 -7.46
CA VAL B 315 -6.30 -7.96 -6.46
C VAL B 315 -6.61 -9.28 -7.17
N MET B 316 -7.58 -9.23 -8.07
CA MET B 316 -8.01 -10.41 -8.83
C MET B 316 -6.95 -10.90 -9.79
N MET B 317 -6.12 -10.00 -10.31
CA MET B 317 -5.01 -10.38 -11.16
C MET B 317 -3.86 -11.00 -10.38
N LEU B 318 -3.52 -10.39 -9.25
CA LEU B 318 -2.36 -10.82 -8.43
C LEU B 318 -2.63 -12.06 -7.60
N VAL B 319 -3.79 -12.12 -6.92
CA VAL B 319 -4.11 -13.23 -6.01
C VAL B 319 -4.69 -14.42 -6.77
N TYR B 320 -5.73 -14.15 -7.53
CA TYR B 320 -6.45 -15.16 -8.31
C TYR B 320 -5.96 -14.98 -9.74
N GLY B 321 -6.30 -15.89 -10.65
CA GLY B 321 -6.04 -15.63 -12.08
C GLY B 321 -7.08 -14.72 -12.73
N GLY B 322 -8.04 -14.26 -11.93
CA GLY B 322 -9.27 -13.67 -12.43
C GLY B 322 -9.17 -12.22 -12.83
N ARG B 323 -10.33 -11.57 -12.92
CA ARG B 323 -10.45 -10.35 -13.70
C ARG B 323 -11.86 -9.79 -13.60
N GLU B 324 -11.98 -8.49 -13.27
CA GLU B 324 -13.25 -7.76 -13.42
C GLU B 324 -13.45 -7.48 -14.90
N ARG B 325 -14.68 -7.64 -15.36
CA ARG B 325 -14.95 -7.69 -16.81
C ARG B 325 -15.89 -6.61 -17.30
N ARG B 326 -15.69 -6.20 -18.56
CA ARG B 326 -16.62 -5.34 -19.26
C ARG B 326 -17.81 -6.17 -19.73
N LEU B 327 -18.94 -5.52 -20.03
CA LEU B 327 -20.10 -6.18 -20.65
C LEU B 327 -19.67 -7.06 -21.83
N ASP B 328 -18.86 -6.50 -22.72
CA ASP B 328 -18.46 -7.21 -23.95
C ASP B 328 -17.54 -8.41 -23.72
N GLU B 329 -16.74 -8.36 -22.67
CA GLU B 329 -15.93 -9.52 -22.28
C GLU B 329 -16.80 -10.67 -21.77
N LEU B 330 -17.87 -10.29 -21.09
CA LEU B 330 -18.94 -11.19 -20.64
C LEU B 330 -19.69 -11.79 -21.84
N ALA B 331 -20.02 -10.92 -22.80
CA ALA B 331 -20.67 -11.34 -24.04
C ALA B 331 -19.84 -12.37 -24.83
N ASP B 332 -18.53 -12.17 -24.91
CA ASP B 332 -17.65 -13.15 -25.56
C ASP B 332 -17.69 -14.52 -24.87
N LEU B 333 -17.62 -14.54 -23.55
CA LEU B 333 -17.69 -15.81 -22.79
C LEU B 333 -19.07 -16.47 -22.90
N ALA B 334 -20.14 -15.67 -22.79
CA ALA B 334 -21.50 -16.13 -23.04
C ALA B 334 -21.63 -16.78 -24.42
N GLY B 335 -21.19 -16.05 -25.45
CA GLY B 335 -21.20 -16.53 -26.84
C GLY B 335 -20.50 -17.87 -27.01
N LYS B 336 -19.26 -17.95 -26.54
CA LYS B 336 -18.49 -19.19 -26.61
C LYS B 336 -19.10 -20.38 -25.83
N ALA B 337 -20.11 -20.10 -24.99
CA ALA B 337 -20.96 -21.15 -24.41
C ALA B 337 -22.37 -21.20 -25.06
N GLY B 338 -22.48 -20.74 -26.31
CA GLY B 338 -23.75 -20.75 -27.02
C GLY B 338 -24.90 -20.01 -26.36
N LEU B 339 -24.60 -18.96 -25.59
CA LEU B 339 -25.63 -18.09 -25.02
C LEU B 339 -25.51 -16.70 -25.61
N ARG B 340 -26.64 -16.01 -25.71
CA ARG B 340 -26.68 -14.59 -26.03
C ARG B 340 -26.85 -13.78 -24.75
N ILE B 341 -26.52 -12.49 -24.82
CA ILE B 341 -26.83 -11.53 -23.77
C ILE B 341 -28.16 -10.88 -24.13
N GLY B 342 -29.16 -11.04 -23.28
CA GLY B 342 -30.47 -10.41 -23.46
C GLY B 342 -30.55 -9.05 -22.79
N ASP B 343 -31.57 -8.88 -21.93
CA ASP B 343 -31.73 -7.66 -21.12
C ASP B 343 -30.49 -7.39 -20.25
N VAL B 344 -30.03 -6.14 -20.28
CA VAL B 344 -28.91 -5.66 -19.47
C VAL B 344 -29.42 -4.62 -18.48
N SER B 345 -29.65 -5.04 -17.24
CA SER B 345 -30.24 -4.17 -16.20
C SER B 345 -29.21 -3.79 -15.14
N MET B 346 -29.35 -2.59 -14.60
CA MET B 346 -28.48 -2.07 -13.54
C MET B 346 -29.24 -1.91 -12.22
N THR B 347 -28.73 -2.49 -11.14
CA THR B 347 -29.30 -2.30 -9.82
C THR B 347 -28.84 -0.93 -9.29
N PRO B 348 -29.59 -0.32 -8.33
CA PRO B 348 -29.14 0.95 -7.72
C PRO B 348 -27.72 0.89 -7.13
N ARG B 349 -27.42 -0.22 -6.44
CA ARG B 349 -26.10 -0.47 -5.84
C ARG B 349 -24.94 -0.87 -6.79
N GLY B 350 -25.11 -0.67 -8.10
CA GLY B 350 -24.00 -0.78 -9.07
C GLY B 350 -23.82 -2.11 -9.78
N LEU B 351 -24.40 -3.18 -9.24
CA LEU B 351 -24.48 -4.49 -9.91
C LEU B 351 -25.15 -4.39 -11.28
N SER B 352 -24.59 -5.09 -12.27
CA SER B 352 -25.23 -5.27 -13.58
C SER B 352 -25.83 -6.67 -13.58
N LEU B 353 -27.08 -6.77 -14.03
CA LEU B 353 -27.83 -8.01 -14.05
C LEU B 353 -28.14 -8.32 -15.52
N VAL B 354 -27.67 -9.47 -16.03
CA VAL B 354 -27.87 -9.79 -17.45
C VAL B 354 -28.48 -11.17 -17.63
N VAL B 355 -29.55 -11.25 -18.42
CA VAL B 355 -30.24 -12.52 -18.70
C VAL B 355 -29.58 -13.14 -19.93
N CYS B 356 -29.06 -14.36 -19.79
CA CYS B 356 -28.48 -15.08 -20.92
C CYS B 356 -29.41 -16.19 -21.35
N GLU B 357 -29.95 -16.06 -22.57
CA GLU B 357 -30.78 -17.09 -23.21
C GLU B 357 -29.90 -17.89 -24.19
N ALA B 358 -30.49 -18.89 -24.85
CA ALA B 358 -29.78 -19.68 -25.86
C ALA B 358 -29.49 -18.83 -27.11
N GLU B 359 -28.27 -18.94 -27.62
CA GLU B 359 -27.77 -18.09 -28.72
C GLU B 359 -28.67 -18.00 -29.94
N THR B 360 -29.26 -19.13 -30.36
CA THR B 360 -29.98 -19.23 -31.65
C THR B 360 -31.51 -19.40 -31.50
N SER B 361 -32.28 -18.78 -32.40
CA SER B 361 -33.73 -19.04 -32.58
C SER B 361 -33.98 -19.66 -33.97
#